data_3C3H
# 
_entry.id   3C3H 
# 
_audit_conform.dict_name       mmcif_pdbx.dic 
_audit_conform.dict_version    5.395 
_audit_conform.dict_location   http://mmcif.pdb.org/dictionaries/ascii/mmcif_pdbx.dic 
# 
loop_
_database_2.database_id 
_database_2.database_code 
_database_2.pdbx_database_accession 
_database_2.pdbx_DOI 
PDB   3C3H         pdb_00003c3h 10.2210/pdb3c3h/pdb 
RCSB  RCSB046293   ?            ?                   
WWPDB D_1000046293 ?            ?                   
# 
loop_
_pdbx_audit_revision_history.ordinal 
_pdbx_audit_revision_history.data_content_type 
_pdbx_audit_revision_history.major_revision 
_pdbx_audit_revision_history.minor_revision 
_pdbx_audit_revision_history.revision_date 
1 'Structure model' 1 0 2008-06-17 
2 'Structure model' 1 1 2011-07-13 
3 'Structure model' 2 0 2023-11-15 
4 'Structure model' 2 1 2024-07-10 
# 
_pdbx_audit_revision_details.ordinal             1 
_pdbx_audit_revision_details.revision_ordinal    1 
_pdbx_audit_revision_details.data_content_type   'Structure model' 
_pdbx_audit_revision_details.provider            repository 
_pdbx_audit_revision_details.type                'Initial release' 
_pdbx_audit_revision_details.description         ? 
_pdbx_audit_revision_details.details             ? 
# 
loop_
_pdbx_audit_revision_group.ordinal 
_pdbx_audit_revision_group.revision_ordinal 
_pdbx_audit_revision_group.data_content_type 
_pdbx_audit_revision_group.group 
1 2 'Structure model' 'Non-polymer description'   
2 2 'Structure model' 'Version format compliance' 
3 3 'Structure model' 'Atomic model'              
4 3 'Structure model' 'Data collection'           
5 3 'Structure model' 'Database references'       
6 3 'Structure model' 'Derived calculations'      
7 4 'Structure model' 'Data collection'           
# 
loop_
_pdbx_audit_revision_category.ordinal 
_pdbx_audit_revision_category.revision_ordinal 
_pdbx_audit_revision_category.data_content_type 
_pdbx_audit_revision_category.category 
1 3 'Structure model' atom_site                      
2 3 'Structure model' chem_comp_atom                 
3 3 'Structure model' chem_comp_bond                 
4 3 'Structure model' database_2                     
5 3 'Structure model' pdbx_validate_main_chain_plane 
6 3 'Structure model' pdbx_validate_peptide_omega    
7 3 'Structure model' pdbx_validate_torsion          
8 3 'Structure model' struct_conn                    
9 4 'Structure model' chem_comp                      
# 
loop_
_pdbx_audit_revision_item.ordinal 
_pdbx_audit_revision_item.revision_ordinal 
_pdbx_audit_revision_item.data_content_type 
_pdbx_audit_revision_item.item 
1  3 'Structure model' '_atom_site.B_iso_or_equiv'                   
2  3 'Structure model' '_atom_site.Cartn_x'                          
3  3 'Structure model' '_atom_site.Cartn_y'                          
4  3 'Structure model' '_atom_site.Cartn_z'                          
5  3 'Structure model' '_atom_site.auth_atom_id'                     
6  3 'Structure model' '_atom_site.label_atom_id'                    
7  3 'Structure model' '_database_2.pdbx_DOI'                        
8  3 'Structure model' '_database_2.pdbx_database_accession'         
9  3 'Structure model' '_pdbx_validate_peptide_omega.auth_comp_id_1' 
10 3 'Structure model' '_pdbx_validate_peptide_omega.auth_comp_id_2' 
11 3 'Structure model' '_pdbx_validate_peptide_omega.auth_seq_id_1'  
12 3 'Structure model' '_pdbx_validate_peptide_omega.auth_seq_id_2'  
13 3 'Structure model' '_pdbx_validate_peptide_omega.omega'          
14 3 'Structure model' '_struct_conn.pdbx_leaving_atom_flag'         
15 3 'Structure model' '_struct_conn.ptnr1_auth_comp_id'             
16 3 'Structure model' '_struct_conn.ptnr1_auth_seq_id'              
17 3 'Structure model' '_struct_conn.ptnr1_label_atom_id'            
18 3 'Structure model' '_struct_conn.ptnr1_label_comp_id'            
19 3 'Structure model' '_struct_conn.ptnr1_label_seq_id'             
20 3 'Structure model' '_struct_conn.ptnr2_auth_comp_id'             
21 3 'Structure model' '_struct_conn.ptnr2_auth_seq_id'              
22 3 'Structure model' '_struct_conn.ptnr2_label_atom_id'            
23 3 'Structure model' '_struct_conn.ptnr2_label_comp_id'            
24 3 'Structure model' '_struct_conn.ptnr2_label_seq_id'             
25 4 'Structure model' '_chem_comp.type'                             
# 
_pdbx_database_status.status_code                     REL 
_pdbx_database_status.entry_id                        3C3H 
_pdbx_database_status.recvd_initial_deposition_date   2008-01-28 
_pdbx_database_status.deposit_site                    RCSB 
_pdbx_database_status.process_site                    RCSB 
_pdbx_database_status.status_code_sf                  REL 
_pdbx_database_status.status_code_mr                  ? 
_pdbx_database_status.SG_entry                        ? 
_pdbx_database_status.pdb_format_compatible           Y 
_pdbx_database_status.status_code_cs                  ? 
_pdbx_database_status.status_code_nmr_data            ? 
_pdbx_database_status.methods_development_category    ? 
# 
loop_
_pdbx_database_related.db_name 
_pdbx_database_related.db_id 
_pdbx_database_related.details 
_pdbx_database_related.content_type 
PDB 1GCL 'GCN4-pLI side chain sequence on an all alpha-residue backbone'           unspecified 
PDB 1UO2 'GCN4-pLI side chain sequence on an all alpha-residue backbone'           unspecified 
PDB 2OXK 'GCN4-pLI side chain sequence on a different alpha/beta-peptide backbone' unspecified 
PDB 3C3F .                                                                         unspecified 
PDB 3C3G .                                                                         unspecified 
# 
loop_
_audit_author.name 
_audit_author.pdbx_ordinal 
'Horne, W.S.'   1 
'Price, J.L.'   2 
'Gellman, S.H.' 3 
# 
_citation.id                        primary 
_citation.title                     
'Interplay among side chain sequence, backbone composition, and residue rigidification in polypeptide folding and assembly.' 
_citation.journal_abbrev            Proc.Natl.Acad.Sci.Usa 
_citation.journal_volume            105 
_citation.page_first                9151 
_citation.page_last                 9156 
_citation.year                      2008 
_citation.journal_id_ASTM           PNASA6 
_citation.country                   US 
_citation.journal_id_ISSN           0027-8424 
_citation.journal_id_CSD            0040 
_citation.book_publisher            ? 
_citation.pdbx_database_id_PubMed   18587049 
_citation.pdbx_database_id_DOI      10.1073/pnas.0801135105 
# 
loop_
_citation_author.citation_id 
_citation_author.name 
_citation_author.ordinal 
_citation_author.identifier_ORCID 
primary 'Horne, W.S.'   1 ? 
primary 'Price, J.L.'   2 ? 
primary 'Gellman, S.H.' 3 ? 
# 
loop_
_entity.id 
_entity.type 
_entity.src_method 
_entity.pdbx_description 
_entity.formula_weight 
_entity.pdbx_number_of_molecules 
_entity.pdbx_ec 
_entity.pdbx_mutation 
_entity.pdbx_fragment 
_entity.details 
1 polymer syn 
;alpha/beta-peptide based on the GCN4-pLI side chain sequence, with an (alpha-alpha-beta) backbone and cyclic beta-residues at positions 1, 4, 10, 19, 22, and 28
;
4024.901 1  ? ? ? ? 
2 water   nat water 18.015   13 ? ? ? ? 
# 
_entity_poly.entity_id                      1 
_entity_poly.type                           'polypeptide(L)' 
_entity_poly.nstd_linkage                   no 
_entity_poly.nstd_monomer                   yes 
_entity_poly.pdbx_seq_one_letter_code       
;(ACE)(XPC)MK(XCP)IE(B3D)KL(XCP)EI(B3L)SK(B3L)YH(XCP)EN(XCP)LA(HMR)IK(XPC)LL(BAL)
ER
;
_entity_poly.pdbx_seq_one_letter_code_can   XXMKXIEDKLXEIXSKXYHXENXLARIKXLLXER 
_entity_poly.pdbx_strand_id                 A 
_entity_poly.pdbx_target_identifier         ? 
# 
_pdbx_entity_nonpoly.entity_id   2 
_pdbx_entity_nonpoly.name        water 
_pdbx_entity_nonpoly.comp_id     HOH 
# 
loop_
_entity_poly_seq.entity_id 
_entity_poly_seq.num 
_entity_poly_seq.mon_id 
_entity_poly_seq.hetero 
1 1  ACE n 
1 2  XPC n 
1 3  MET n 
1 4  LYS n 
1 5  XCP n 
1 6  ILE n 
1 7  GLU n 
1 8  B3D n 
1 9  LYS n 
1 10 LEU n 
1 11 XCP n 
1 12 GLU n 
1 13 ILE n 
1 14 B3L n 
1 15 SER n 
1 16 LYS n 
1 17 B3L n 
1 18 TYR n 
1 19 HIS n 
1 20 XCP n 
1 21 GLU n 
1 22 ASN n 
1 23 XCP n 
1 24 LEU n 
1 25 ALA n 
1 26 HMR n 
1 27 ILE n 
1 28 LYS n 
1 29 XPC n 
1 30 LEU n 
1 31 LEU n 
1 32 BAL n 
1 33 GLU n 
1 34 ARG n 
# 
_pdbx_entity_src_syn.entity_id              1 
_pdbx_entity_src_syn.pdbx_src_id            1 
_pdbx_entity_src_syn.pdbx_alt_source_flag   sample 
_pdbx_entity_src_syn.pdbx_beg_seq_num       ? 
_pdbx_entity_src_syn.pdbx_end_seq_num       ? 
_pdbx_entity_src_syn.organism_scientific    ? 
_pdbx_entity_src_syn.organism_common_name   ? 
_pdbx_entity_src_syn.ncbi_taxonomy_id       ? 
_pdbx_entity_src_syn.details                'synthetic peptide' 
# 
loop_
_chem_comp.id 
_chem_comp.type 
_chem_comp.mon_nstd_flag 
_chem_comp.name 
_chem_comp.pdbx_synonyms 
_chem_comp.formula 
_chem_comp.formula_weight 
ACE non-polymer         . 'ACETYL GROUP'                                 ?                                              'C2 H4 O' 
44.053  
ALA 'L-peptide linking' y ALANINE                                        ?                                              
'C3 H7 N O2'     89.093  
ARG 'L-peptide linking' y ARGININE                                       ?                                              
'C6 H15 N4 O2 1' 175.209 
ASN 'L-peptide linking' y ASPARAGINE                                     ?                                              
'C4 H8 N2 O3'    132.118 
B3D 'L-peptide linking' n '3-AMINOPENTANEDIOIC ACID'                     BETA-HOMOASPARTATE                             
'C5 H9 N O4'     147.129 
B3L 'L-peptide linking' . '(3S)-3-amino-5-methylhexanoic acid'           '(S)-beta-3-homoleucine'                       
'C7 H15 N O2'    145.200 
BAL peptide-like        . BETA-ALANINE                                   ?                                              
'C3 H7 N O2'     89.093  
GLU 'L-peptide linking' y 'GLUTAMIC ACID'                                ?                                              
'C5 H9 N O4'     147.129 
HIS 'L-peptide linking' y HISTIDINE                                      ?                                              
'C6 H10 N3 O2 1' 156.162 
HMR 'L-peptide linking' n BETA-HOMOARGININE                              ?                                              
'C7 H16 N4 O2'   188.228 
HOH non-polymer         . WATER                                          ?                                              'H2 O' 
18.015  
ILE 'L-peptide linking' y ISOLEUCINE                                     ?                                              
'C6 H13 N O2'    131.173 
LEU 'L-peptide linking' y LEUCINE                                        ?                                              
'C6 H13 N O2'    131.173 
LYS 'L-peptide linking' y LYSINE                                         ?                                              
'C6 H15 N2 O2 1' 147.195 
MET 'L-peptide linking' y METHIONINE                                     ?                                              
'C5 H11 N O2 S'  149.211 
SER 'L-peptide linking' y SERINE                                         ?                                              
'C3 H7 N O3'     105.093 
TYR 'L-peptide linking' y TYROSINE                                       ?                                              
'C9 H11 N O3'    181.189 
XCP peptide-like        . '(1S,2S)-2-aminocyclopentanecarboxylic acid'   ?                                              
'C6 H11 N O2'    129.157 
XPC peptide-like        . '(3S,4R)-4-aminopyrrolidine-3-carboxylic acid' '(3R,4S)-3-Aminopyrrolidine-4-carboxylic acid' 
'C5 H10 N2 O2'   130.145 
# 
loop_
_pdbx_poly_seq_scheme.asym_id 
_pdbx_poly_seq_scheme.entity_id 
_pdbx_poly_seq_scheme.seq_id 
_pdbx_poly_seq_scheme.mon_id 
_pdbx_poly_seq_scheme.ndb_seq_num 
_pdbx_poly_seq_scheme.pdb_seq_num 
_pdbx_poly_seq_scheme.auth_seq_num 
_pdbx_poly_seq_scheme.pdb_mon_id 
_pdbx_poly_seq_scheme.auth_mon_id 
_pdbx_poly_seq_scheme.pdb_strand_id 
_pdbx_poly_seq_scheme.pdb_ins_code 
_pdbx_poly_seq_scheme.hetero 
A 1 1  ACE 1  0  0  ACE ACE A . n 
A 1 2  XPC 2  1  1  XPC XPC A . n 
A 1 3  MET 3  2  2  MET MET A . n 
A 1 4  LYS 4  3  3  LYS LYS A . n 
A 1 5  XCP 5  4  4  XCP XCP A . n 
A 1 6  ILE 6  5  5  ILE ILE A . n 
A 1 7  GLU 7  6  6  GLU GLU A . n 
A 1 8  B3D 8  7  7  B3D B3D A . n 
A 1 9  LYS 9  8  8  LYS LYS A . n 
A 1 10 LEU 10 9  9  LEU LEU A . n 
A 1 11 XCP 11 10 10 XCP XCP A . n 
A 1 12 GLU 12 11 11 GLU GLU A . n 
A 1 13 ILE 13 12 12 ILE ILE A . n 
A 1 14 B3L 14 13 13 B3L B3L A . n 
A 1 15 SER 15 14 14 SER SER A . n 
A 1 16 LYS 16 15 15 LYS LYS A . n 
A 1 17 B3L 17 16 16 B3L B3L A . n 
A 1 18 TYR 18 17 17 TYR TYR A . n 
A 1 19 HIS 19 18 18 HIS HIS A . n 
A 1 20 XCP 20 19 19 XCP XCP A . n 
A 1 21 GLU 21 20 20 GLU GLU A . n 
A 1 22 ASN 22 21 21 ASN ASN A . n 
A 1 23 XCP 23 22 22 XCP XCP A . n 
A 1 24 LEU 24 23 23 LEU LEU A . n 
A 1 25 ALA 25 24 24 ALA ALA A . n 
A 1 26 HMR 26 25 25 HMR HMR A . n 
A 1 27 ILE 27 26 26 ILE ILE A . n 
A 1 28 LYS 28 27 27 LYS LYS A . n 
A 1 29 XPC 29 28 28 XPC XPC A . n 
A 1 30 LEU 30 29 29 LEU LEU A . n 
A 1 31 LEU 31 30 30 LEU LEU A . n 
A 1 32 BAL 32 31 31 BAL BAL A . n 
A 1 33 GLU 33 32 32 GLU GLU A . n 
A 1 34 ARG 34 33 33 ARG ARG A . n 
# 
loop_
_pdbx_nonpoly_scheme.asym_id 
_pdbx_nonpoly_scheme.entity_id 
_pdbx_nonpoly_scheme.mon_id 
_pdbx_nonpoly_scheme.ndb_seq_num 
_pdbx_nonpoly_scheme.pdb_seq_num 
_pdbx_nonpoly_scheme.auth_seq_num 
_pdbx_nonpoly_scheme.pdb_mon_id 
_pdbx_nonpoly_scheme.auth_mon_id 
_pdbx_nonpoly_scheme.pdb_strand_id 
_pdbx_nonpoly_scheme.pdb_ins_code 
B 2 HOH 1  34 1  HOH HOH A . 
B 2 HOH 2  35 2  HOH HOH A . 
B 2 HOH 3  36 3  HOH HOH A . 
B 2 HOH 4  37 4  HOH HOH A . 
B 2 HOH 5  38 5  HOH HOH A . 
B 2 HOH 6  39 6  HOH HOH A . 
B 2 HOH 7  40 7  HOH HOH A . 
B 2 HOH 8  41 8  HOH HOH A . 
B 2 HOH 9  42 9  HOH HOH A . 
B 2 HOH 10 43 10 HOH HOH A . 
B 2 HOH 11 44 11 HOH HOH A . 
B 2 HOH 12 45 12 HOH HOH A . 
B 2 HOH 13 46 13 HOH HOH A . 
# 
loop_
_pdbx_unobs_or_zero_occ_atoms.id 
_pdbx_unobs_or_zero_occ_atoms.PDB_model_num 
_pdbx_unobs_or_zero_occ_atoms.polymer_flag 
_pdbx_unobs_or_zero_occ_atoms.occupancy_flag 
_pdbx_unobs_or_zero_occ_atoms.auth_asym_id 
_pdbx_unobs_or_zero_occ_atoms.auth_comp_id 
_pdbx_unobs_or_zero_occ_atoms.auth_seq_id 
_pdbx_unobs_or_zero_occ_atoms.PDB_ins_code 
_pdbx_unobs_or_zero_occ_atoms.auth_atom_id 
_pdbx_unobs_or_zero_occ_atoms.label_alt_id 
_pdbx_unobs_or_zero_occ_atoms.label_asym_id 
_pdbx_unobs_or_zero_occ_atoms.label_comp_id 
_pdbx_unobs_or_zero_occ_atoms.label_seq_id 
_pdbx_unobs_or_zero_occ_atoms.label_atom_id 
1  1 Y 1 A LYS 3  ? CG  ? A LYS 4  CG  
2  1 Y 1 A LYS 3  ? CD  ? A LYS 4  CD  
3  1 Y 1 A LYS 3  ? CE  ? A LYS 4  CE  
4  1 Y 1 A LYS 3  ? NZ  ? A LYS 4  NZ  
5  1 Y 1 A GLU 6  ? CG  ? A GLU 7  CG  
6  1 Y 1 A GLU 6  ? CD  ? A GLU 7  CD  
7  1 Y 1 A GLU 6  ? OE1 ? A GLU 7  OE1 
8  1 Y 1 A GLU 6  ? OE2 ? A GLU 7  OE2 
9  1 Y 1 A LYS 8  ? NZ  ? A LYS 9  NZ  
10 1 Y 1 A HMR 25 ? CD  ? A HMR 26 CD  
11 1 Y 1 A HMR 25 ? NE  ? A HMR 26 NE  
12 1 Y 1 A HMR 25 ? CZ  ? A HMR 26 CZ  
13 1 Y 1 A HMR 25 ? NH1 ? A HMR 26 NH1 
14 1 Y 1 A HMR 25 ? NH2 ? A HMR 26 NH2 
15 1 Y 1 A ARG 33 ? CG  ? A ARG 34 CG  
16 1 Y 1 A ARG 33 ? CD  ? A ARG 34 CD  
17 1 Y 1 A ARG 33 ? NE  ? A ARG 34 NE  
18 1 Y 1 A ARG 33 ? CZ  ? A ARG 34 CZ  
19 1 Y 1 A ARG 33 ? NH1 ? A ARG 34 NH1 
20 1 Y 1 A ARG 33 ? NH2 ? A ARG 34 NH2 
# 
loop_
_software.name 
_software.classification 
_software.version 
_software.citation_id 
_software.pdbx_ordinal 
REFMAC         refinement        5.4.0062 ? 1 
'PROTEUM PLUS' 'data collection' PLUS     ? 2 
'PROTEUM PLUS' 'data reduction'  PLUS     ? 3 
'PROTEUM PLUS' 'data scaling'    PLUS     ? 4 
PHASER         phasing           .        ? 5 
# 
_cell.entry_id           3C3H 
_cell.length_a           35.507 
_cell.length_b           35.507 
_cell.length_c           45.774 
_cell.angle_alpha        90.00 
_cell.angle_beta         90.00 
_cell.angle_gamma        90.00 
_cell.Z_PDB              8 
_cell.pdbx_unique_axis   ? 
_cell.length_a_esd       ? 
_cell.length_b_esd       ? 
_cell.length_c_esd       ? 
_cell.angle_alpha_esd    ? 
_cell.angle_beta_esd     ? 
_cell.angle_gamma_esd    ? 
# 
_symmetry.entry_id                         3C3H 
_symmetry.space_group_name_H-M             'P 4 21 2' 
_symmetry.pdbx_full_space_group_name_H-M   ? 
_symmetry.cell_setting                     ? 
_symmetry.Int_Tables_number                90 
_symmetry.space_group_name_Hall            ? 
# 
_exptl.entry_id          3C3H 
_exptl.method            'X-RAY DIFFRACTION' 
_exptl.crystals_number   1 
# 
_exptl_crystal.id                    1 
_exptl_crystal.density_meas          ? 
_exptl_crystal.density_Matthews      1.80 
_exptl_crystal.density_percent_sol   31.81 
_exptl_crystal.description           ? 
_exptl_crystal.F_000                 ? 
_exptl_crystal.preparation           ? 
# 
_exptl_crystal_grow.crystal_id      1 
_exptl_crystal_grow.method          'VAPOR DIFFUSION, HANGING DROP' 
_exptl_crystal_grow.temp            298 
_exptl_crystal_grow.temp_details    ? 
_exptl_crystal_grow.pH              8.5 
_exptl_crystal_grow.pdbx_details    '0.1 M Tris pH 8.5, 0.7 M diammonium tartrate, VAPOR DIFFUSION, HANGING DROP, temperature 298K' 
_exptl_crystal_grow.pdbx_pH_range   . 
# 
_diffrn.id                     1 
_diffrn.ambient_temp           100 
_diffrn.ambient_temp_details   ? 
_diffrn.crystal_id             1 
# 
_diffrn_detector.diffrn_id              1 
_diffrn_detector.detector               CCD 
_diffrn_detector.type                   'BRUKER SMART 6000' 
_diffrn_detector.pdbx_collection_date   2007-11-13 
_diffrn_detector.details                'confocal mirrors' 
# 
_diffrn_radiation.diffrn_id                        1 
_diffrn_radiation.wavelength_id                    1 
_diffrn_radiation.pdbx_monochromatic_or_laue_m_l   M 
_diffrn_radiation.monochromator                    'gobel mirrors' 
_diffrn_radiation.pdbx_diffrn_protocol             'SINGLE WAVELENGTH' 
_diffrn_radiation.pdbx_scattering_type             x-ray 
# 
_diffrn_radiation_wavelength.id           1 
_diffrn_radiation_wavelength.wavelength   1.5418 
_diffrn_radiation_wavelength.wt           1.0 
# 
_diffrn_source.diffrn_id                   1 
_diffrn_source.source                      'ROTATING ANODE' 
_diffrn_source.type                        'BRUKER AXS MICROSTAR' 
_diffrn_source.pdbx_synchrotron_site       ? 
_diffrn_source.pdbx_synchrotron_beamline   ? 
_diffrn_source.pdbx_wavelength             ? 
_diffrn_source.pdbx_wavelength_list        1.5418 
# 
_reflns.entry_id                     3C3H 
_reflns.observed_criterion_sigma_F   ? 
_reflns.observed_criterion_sigma_I   ? 
_reflns.d_resolution_high            2.20 
_reflns.d_resolution_low             35.5 
_reflns.number_all                   1711 
_reflns.number_obs                   1690 
_reflns.percent_possible_obs         98.8 
_reflns.pdbx_Rmerge_I_obs            ? 
_reflns.pdbx_Rsym_value              0.098 
_reflns.pdbx_netI_over_sigmaI        12.6 
_reflns.B_iso_Wilson_estimate        ? 
_reflns.pdbx_redundancy              5.6 
_reflns.R_free_details               ? 
_reflns.limit_h_max                  ? 
_reflns.limit_h_min                  ? 
_reflns.limit_k_max                  ? 
_reflns.limit_k_min                  ? 
_reflns.limit_l_max                  ? 
_reflns.limit_l_min                  ? 
_reflns.observed_criterion_F_max     ? 
_reflns.observed_criterion_F_min     ? 
_reflns.pdbx_chi_squared             ? 
_reflns.pdbx_scaling_rejects         ? 
_reflns.pdbx_ordinal                 1 
_reflns.pdbx_diffrn_id               1 
# 
_reflns_shell.d_res_high             2.2 
_reflns_shell.d_res_low              2.3 
_reflns_shell.percent_possible_all   92.7 
_reflns_shell.Rmerge_I_obs           ? 
_reflns_shell.pdbx_Rsym_value        0.309 
_reflns_shell.meanI_over_sigI_obs    3.7 
_reflns_shell.pdbx_redundancy        3.7 
_reflns_shell.percent_possible_obs   ? 
_reflns_shell.number_unique_all      ? 
_reflns_shell.number_measured_all    ? 
_reflns_shell.number_measured_obs    ? 
_reflns_shell.number_unique_obs      ? 
_reflns_shell.pdbx_chi_squared       ? 
_reflns_shell.pdbx_ordinal           1 
_reflns_shell.pdbx_diffrn_id         1 
# 
_refine.entry_id                                 3C3H 
_refine.ls_number_reflns_obs                     1606 
_refine.ls_number_reflns_all                     ? 
_refine.pdbx_ls_sigma_I                          ? 
_refine.pdbx_ls_sigma_F                          ? 
_refine.pdbx_data_cutoff_high_absF               ? 
_refine.pdbx_data_cutoff_low_absF                ? 
_refine.pdbx_data_cutoff_high_rms_absF           ? 
_refine.ls_d_res_low                             22.01 
_refine.ls_d_res_high                            2.20 
_refine.ls_percent_reflns_obs                    98.88 
_refine.ls_R_factor_obs                          0.23468 
_refine.ls_R_factor_all                          ? 
_refine.ls_R_factor_R_work                       0.23251 
_refine.ls_R_factor_R_free                       0.27771 
_refine.ls_R_factor_R_free_error                 ? 
_refine.ls_R_factor_R_free_error_details         ? 
_refine.ls_percent_reflns_R_free                 4.3 
_refine.ls_number_reflns_R_free                  73 
_refine.ls_number_parameters                     ? 
_refine.ls_number_restraints                     ? 
_refine.occupancy_min                            ? 
_refine.occupancy_max                            ? 
_refine.correlation_coeff_Fo_to_Fc               0.923 
_refine.correlation_coeff_Fo_to_Fc_free          0.842 
_refine.B_iso_mean                               10.926 
_refine.aniso_B[1][1]                            1.40 
_refine.aniso_B[2][2]                            1.40 
_refine.aniso_B[3][3]                            -2.79 
_refine.aniso_B[1][2]                            0.00 
_refine.aniso_B[1][3]                            0.00 
_refine.aniso_B[2][3]                            0.00 
_refine.solvent_model_details                    MASK 
_refine.solvent_model_param_ksol                 ? 
_refine.solvent_model_param_bsol                 ? 
_refine.pdbx_solvent_vdw_probe_radii             1.40 
_refine.pdbx_solvent_ion_probe_radii             0.80 
_refine.pdbx_solvent_shrinkage_radii             0.80 
_refine.pdbx_ls_cross_valid_method               THROUGHOUT 
_refine.details                                  'HYDROGENS HAVE BEEN ADDED IN THE RIDING POSITIONS' 
_refine.pdbx_starting_model                      ? 
_refine.pdbx_method_to_determine_struct          'MOLECULAR REPLACEMENT' 
_refine.pdbx_isotropic_thermal_model             ? 
_refine.pdbx_stereochemistry_target_values       'MAXIMUM LIKELIHOOD' 
_refine.pdbx_stereochem_target_val_spec_case     ? 
_refine.pdbx_R_Free_selection_details            RANDOM 
_refine.pdbx_overall_ESU_R                       0.389 
_refine.pdbx_overall_ESU_R_Free                  0.259 
_refine.overall_SU_ML                            0.208 
_refine.overall_SU_B                             8.658 
_refine.ls_redundancy_reflns_obs                 ? 
_refine.B_iso_min                                ? 
_refine.B_iso_max                                ? 
_refine.overall_SU_R_Cruickshank_DPI             ? 
_refine.overall_SU_R_free                        ? 
_refine.ls_wR_factor_R_free                      ? 
_refine.ls_wR_factor_R_work                      ? 
_refine.overall_FOM_free_R_set                   ? 
_refine.overall_FOM_work_R_set                   ? 
_refine.pdbx_overall_phase_error                 ? 
_refine.pdbx_refine_id                           'X-RAY DIFFRACTION' 
_refine.pdbx_diffrn_id                           1 
_refine.pdbx_TLS_residual_ADP_flag               ? 
_refine.pdbx_overall_SU_R_free_Cruickshank_DPI   ? 
_refine.pdbx_overall_SU_R_Blow_DPI               ? 
_refine.pdbx_overall_SU_R_free_Blow_DPI          ? 
# 
_refine_hist.pdbx_refine_id                   'X-RAY DIFFRACTION' 
_refine_hist.cycle_id                         LAST 
_refine_hist.pdbx_number_atoms_protein        264 
_refine_hist.pdbx_number_atoms_nucleic_acid   0 
_refine_hist.pdbx_number_atoms_ligand         0 
_refine_hist.number_atoms_solvent             13 
_refine_hist.number_atoms_total               277 
_refine_hist.d_res_high                       2.20 
_refine_hist.d_res_low                        22.01 
# 
loop_
_refine_ls_restr.type 
_refine_ls_restr.dev_ideal 
_refine_ls_restr.dev_ideal_target 
_refine_ls_restr.weight 
_refine_ls_restr.number 
_refine_ls_restr.pdbx_refine_id 
_refine_ls_restr.pdbx_restraint_function 
r_bond_refined_d             0.016  0.021  ? 271 'X-RAY DIFFRACTION' ? 
r_bond_other_d               0.002  0.020  ? 202 'X-RAY DIFFRACTION' ? 
r_angle_refined_deg          2.219  2.252  ? 367 'X-RAY DIFFRACTION' ? 
r_angle_other_deg            1.358  3.000  ? 509 'X-RAY DIFFRACTION' ? 
r_dihedral_angle_1_deg       3.590  5.000  ? 11  'X-RAY DIFFRACTION' ? 
r_dihedral_angle_2_deg       51.270 26.667 ? 6   'X-RAY DIFFRACTION' ? 
r_dihedral_angle_3_deg       15.744 15.000 ? 38  'X-RAY DIFFRACTION' ? 
r_dihedral_angle_4_deg       ?      ?      ? ?   'X-RAY DIFFRACTION' ? 
r_chiral_restr               0.125  0.200  ? 47  'X-RAY DIFFRACTION' ? 
r_gen_planes_refined         0.005  0.011  ? 225 'X-RAY DIFFRACTION' ? 
r_gen_planes_other           0.000  0.010  ? 39  'X-RAY DIFFRACTION' ? 
r_nbd_refined                ?      ?      ? ?   'X-RAY DIFFRACTION' ? 
r_nbd_other                  ?      ?      ? ?   'X-RAY DIFFRACTION' ? 
r_nbtor_refined              ?      ?      ? ?   'X-RAY DIFFRACTION' ? 
r_nbtor_other                ?      ?      ? ?   'X-RAY DIFFRACTION' ? 
r_xyhbond_nbd_refined        ?      ?      ? ?   'X-RAY DIFFRACTION' ? 
r_xyhbond_nbd_other          ?      ?      ? ?   'X-RAY DIFFRACTION' ? 
r_metal_ion_refined          ?      ?      ? ?   'X-RAY DIFFRACTION' ? 
r_metal_ion_other            ?      ?      ? ?   'X-RAY DIFFRACTION' ? 
r_symmetry_vdw_refined       ?      ?      ? ?   'X-RAY DIFFRACTION' ? 
r_symmetry_vdw_other         ?      ?      ? ?   'X-RAY DIFFRACTION' ? 
r_symmetry_hbond_refined     ?      ?      ? ?   'X-RAY DIFFRACTION' ? 
r_symmetry_hbond_other       ?      ?      ? ?   'X-RAY DIFFRACTION' ? 
r_symmetry_metal_ion_refined ?      ?      ? ?   'X-RAY DIFFRACTION' ? 
r_symmetry_metal_ion_other   ?      ?      ? ?   'X-RAY DIFFRACTION' ? 
r_mcbond_it                  0.646  1.500  ? 174 'X-RAY DIFFRACTION' ? 
r_mcbond_other               0.135  1.500  ? 71  'X-RAY DIFFRACTION' ? 
r_mcangle_it                 1.211  2.000  ? 276 'X-RAY DIFFRACTION' ? 
r_scbond_it                  2.219  3.000  ? 97  'X-RAY DIFFRACTION' ? 
r_scangle_it                 3.691  4.500  ? 91  'X-RAY DIFFRACTION' ? 
r_rigid_bond_restr           ?      ?      ? ?   'X-RAY DIFFRACTION' ? 
r_sphericity_free            ?      ?      ? ?   'X-RAY DIFFRACTION' ? 
r_sphericity_bonded          ?      ?      ? ?   'X-RAY DIFFRACTION' ? 
# 
_refine_ls_shell.pdbx_total_number_of_bins_used   20 
_refine_ls_shell.d_res_high                       2.200 
_refine_ls_shell.d_res_low                        2.257 
_refine_ls_shell.number_reflns_R_work             102 
_refine_ls_shell.R_factor_R_work                  0.278 
_refine_ls_shell.percent_reflns_obs               88.79 
_refine_ls_shell.R_factor_R_free                  0.484 
_refine_ls_shell.R_factor_R_free_error            ? 
_refine_ls_shell.percent_reflns_R_free            ? 
_refine_ls_shell.number_reflns_R_free             1 
_refine_ls_shell.number_reflns_all                ? 
_refine_ls_shell.R_factor_all                     ? 
_refine_ls_shell.number_reflns_obs                ? 
_refine_ls_shell.redundancy_reflns_obs            ? 
_refine_ls_shell.pdbx_refine_id                   'X-RAY DIFFRACTION' 
# 
_struct.entry_id                  3C3H 
_struct.title                     
'alpha/beta-Peptide helix bundles: A GCN4-pLI analogue with an (alpha-alpha-beta) backbone and cyclic beta residues' 
_struct.pdbx_model_details        ? 
_struct.pdbx_CASP_flag            ? 
_struct.pdbx_model_type_details   ? 
# 
_struct_keywords.entry_id        3C3H 
_struct_keywords.pdbx_keywords   'DE NOVO PROTEIN' 
_struct_keywords.text            'helix bundle, foldamer, alpha/beta-peptide, UNKNOWN FUNCTION, DE NOVO PROTEIN' 
# 
loop_
_struct_asym.id 
_struct_asym.pdbx_blank_PDB_chainid_flag 
_struct_asym.pdbx_modified 
_struct_asym.entity_id 
_struct_asym.details 
A N N 1 ? 
B N N 2 ? 
# 
_struct_ref.id                         1 
_struct_ref.db_name                    PDB 
_struct_ref.db_code                    3C3H 
_struct_ref.pdbx_db_accession          3C3H 
_struct_ref.entity_id                  1 
_struct_ref.pdbx_seq_one_letter_code   '(XPC)MK(XCP)IE(B3D)KL(XCP)EI(B3L)SK(B3L)YH(XCP)EN(XCP)LA(HMR)IK(XPC)LL(BAL)ER' 
_struct_ref.pdbx_align_begin           1 
_struct_ref.pdbx_db_isoform            ? 
# 
_struct_ref_seq.align_id                      1 
_struct_ref_seq.ref_id                        1 
_struct_ref_seq.pdbx_PDB_id_code              3C3H 
_struct_ref_seq.pdbx_strand_id                A 
_struct_ref_seq.seq_align_beg                 2 
_struct_ref_seq.pdbx_seq_align_beg_ins_code   ? 
_struct_ref_seq.seq_align_end                 34 
_struct_ref_seq.pdbx_seq_align_end_ins_code   ? 
_struct_ref_seq.pdbx_db_accession             3C3H 
_struct_ref_seq.db_align_beg                  1 
_struct_ref_seq.pdbx_db_align_beg_ins_code    ? 
_struct_ref_seq.db_align_end                  33 
_struct_ref_seq.pdbx_db_align_end_ins_code    ? 
_struct_ref_seq.pdbx_auth_seq_align_beg       1 
_struct_ref_seq.pdbx_auth_seq_align_end       33 
# 
_pdbx_struct_assembly.id                   1 
_pdbx_struct_assembly.details              author_and_software_defined_assembly 
_pdbx_struct_assembly.method_details       PISA 
_pdbx_struct_assembly.oligomeric_details   tetrameric 
_pdbx_struct_assembly.oligomeric_count     4 
# 
loop_
_pdbx_struct_assembly_prop.biol_id 
_pdbx_struct_assembly_prop.type 
_pdbx_struct_assembly_prop.value 
_pdbx_struct_assembly_prop.details 
1 'ABSA (A^2)' 5580 ? 
1 MORE         -52  ? 
1 'SSA (A^2)'  7240 ? 
# 
_pdbx_struct_assembly_gen.assembly_id       1 
_pdbx_struct_assembly_gen.oper_expression   1,2,3,4 
_pdbx_struct_assembly_gen.asym_id_list      A,B 
# 
loop_
_pdbx_struct_oper_list.id 
_pdbx_struct_oper_list.type 
_pdbx_struct_oper_list.name 
_pdbx_struct_oper_list.symmetry_operation 
_pdbx_struct_oper_list.matrix[1][1] 
_pdbx_struct_oper_list.matrix[1][2] 
_pdbx_struct_oper_list.matrix[1][3] 
_pdbx_struct_oper_list.vector[1] 
_pdbx_struct_oper_list.matrix[2][1] 
_pdbx_struct_oper_list.matrix[2][2] 
_pdbx_struct_oper_list.matrix[2][3] 
_pdbx_struct_oper_list.vector[2] 
_pdbx_struct_oper_list.matrix[3][1] 
_pdbx_struct_oper_list.matrix[3][2] 
_pdbx_struct_oper_list.matrix[3][3] 
_pdbx_struct_oper_list.vector[3] 
1 'identity operation'         1_555 x,y,z          1.0000000000  0.0000000000  0.0000000000  0.0000000000 0.0000000000  1.0000000000  0.0000000000  0.0000000000  0.0000000000  0.0000000000  1.0000000000  0.0000000000  
2 'crystal symmetry operation' 2_655 -x+1,-y,z      -0.2514288678 -0.5839197636 -0.7718945744 9.1180566492 -0.5839197636 -0.5445158440 0.6021131167  -2.4853999549 -0.7718945744 0.6021131167  -0.2040552882 10.7226924733 
3 'crystal symmetry operation' 3_545 -y+1/2,x-1/2,z 0.3742855661  -0.9228103838 0.0912760127  1.2165110768 0.3388906202  0.2277420780  0.9128453831  -7.3987769980 -0.8631705872 -0.3107322664 0.3979723559  6.7767508195  
4 'crystal symmetry operation' 4_555 y+1/2,-x+1/2,z 0.3742855661  0.3388906202  -0.8631705872 7.9015455725 -0.9228103838 0.2277420780  -0.3107322664 4.9133770431  0.0912760127  0.9128453831  0.3979723559  3.9459416538 
# 
_struct_biol.id        1 
_struct_biol.details   ? 
# 
_struct_conf.conf_type_id            HELX_P 
_struct_conf.id                      HELX_P1 
_struct_conf.pdbx_PDB_helix_id       1 
_struct_conf.beg_label_comp_id       XPC 
_struct_conf.beg_label_asym_id       A 
_struct_conf.beg_label_seq_id        2 
_struct_conf.pdbx_beg_PDB_ins_code   ? 
_struct_conf.end_label_comp_id       BAL 
_struct_conf.end_label_asym_id       A 
_struct_conf.end_label_seq_id        32 
_struct_conf.pdbx_end_PDB_ins_code   ? 
_struct_conf.beg_auth_comp_id        XPC 
_struct_conf.beg_auth_asym_id        A 
_struct_conf.beg_auth_seq_id         1 
_struct_conf.end_auth_comp_id        BAL 
_struct_conf.end_auth_asym_id        A 
_struct_conf.end_auth_seq_id         31 
_struct_conf.pdbx_PDB_helix_class    1 
_struct_conf.details                 ? 
_struct_conf.pdbx_PDB_helix_length   31 
# 
_struct_conf_type.id          HELX_P 
_struct_conf_type.criteria    ? 
_struct_conf_type.reference   ? 
# 
loop_
_struct_conn.id 
_struct_conn.conn_type_id 
_struct_conn.pdbx_leaving_atom_flag 
_struct_conn.pdbx_PDB_id 
_struct_conn.ptnr1_label_asym_id 
_struct_conn.ptnr1_label_comp_id 
_struct_conn.ptnr1_label_seq_id 
_struct_conn.ptnr1_label_atom_id 
_struct_conn.pdbx_ptnr1_label_alt_id 
_struct_conn.pdbx_ptnr1_PDB_ins_code 
_struct_conn.pdbx_ptnr1_standard_comp_id 
_struct_conn.ptnr1_symmetry 
_struct_conn.ptnr2_label_asym_id 
_struct_conn.ptnr2_label_comp_id 
_struct_conn.ptnr2_label_seq_id 
_struct_conn.ptnr2_label_atom_id 
_struct_conn.pdbx_ptnr2_label_alt_id 
_struct_conn.pdbx_ptnr2_PDB_ins_code 
_struct_conn.ptnr1_auth_asym_id 
_struct_conn.ptnr1_auth_comp_id 
_struct_conn.ptnr1_auth_seq_id 
_struct_conn.ptnr2_auth_asym_id 
_struct_conn.ptnr2_auth_comp_id 
_struct_conn.ptnr2_auth_seq_id 
_struct_conn.ptnr2_symmetry 
_struct_conn.pdbx_ptnr3_label_atom_id 
_struct_conn.pdbx_ptnr3_label_seq_id 
_struct_conn.pdbx_ptnr3_label_comp_id 
_struct_conn.pdbx_ptnr3_label_asym_id 
_struct_conn.pdbx_ptnr3_label_alt_id 
_struct_conn.pdbx_ptnr3_PDB_ins_code 
_struct_conn.details 
_struct_conn.pdbx_dist_value 
_struct_conn.pdbx_value_order 
_struct_conn.pdbx_role 
covale1  covale both ? A ACE 1  C ? ? ? 1_555 A XPC 2  N ? ? A ACE 0  A XPC 1  1_555 ? ? ? ? ? ? ? 1.329 ? ? 
covale2  covale both ? A XPC 2  C ? ? ? 1_555 A MET 3  N ? ? A XPC 1  A MET 2  1_555 ? ? ? ? ? ? ? 1.300 ? ? 
covale3  covale both ? A LYS 4  C ? ? ? 1_555 A XCP 5  N ? ? A LYS 3  A XCP 4  1_555 ? ? ? ? ? ? ? 1.317 ? ? 
covale4  covale both ? A XCP 5  C ? ? ? 1_555 A ILE 6  N ? ? A XCP 4  A ILE 5  1_555 ? ? ? ? ? ? ? 1.314 ? ? 
covale5  covale both ? A GLU 7  C ? ? ? 1_555 A B3D 8  N ? ? A GLU 6  A B3D 7  1_555 ? ? ? ? ? ? ? 1.326 ? ? 
covale6  covale both ? A B3D 8  C ? ? ? 1_555 A LYS 9  N ? ? A B3D 7  A LYS 8  1_555 ? ? ? ? ? ? ? 1.331 ? ? 
covale7  covale both ? A LEU 10 C ? ? ? 1_555 A XCP 11 N ? ? A LEU 9  A XCP 10 1_555 ? ? ? ? ? ? ? 1.319 ? ? 
covale8  covale both ? A XCP 11 C ? ? ? 1_555 A GLU 12 N ? ? A XCP 10 A GLU 11 1_555 ? ? ? ? ? ? ? 1.313 ? ? 
covale9  covale both ? A ILE 13 C ? ? ? 1_555 A B3L 14 N ? ? A ILE 12 A B3L 13 1_555 ? ? ? ? ? ? ? 1.322 ? ? 
covale10 covale both ? A B3L 14 C ? ? ? 1_555 A SER 15 N ? ? A B3L 13 A SER 14 1_555 ? ? ? ? ? ? ? 1.338 ? ? 
covale11 covale both ? A LYS 16 C ? ? ? 1_555 A B3L 17 N ? ? A LYS 15 A B3L 16 1_555 ? ? ? ? ? ? ? 1.325 ? ? 
covale12 covale both ? A B3L 17 C ? ? ? 1_555 A TYR 18 N ? ? A B3L 16 A TYR 17 1_555 ? ? ? ? ? ? ? 1.342 ? ? 
covale13 covale both ? A HIS 19 C ? ? ? 1_555 A XCP 20 N ? ? A HIS 18 A XCP 19 1_555 ? ? ? ? ? ? ? 1.308 ? ? 
covale14 covale both ? A XCP 20 C ? ? ? 1_555 A GLU 21 N ? ? A XCP 19 A GLU 20 1_555 ? ? ? ? ? ? ? 1.344 ? ? 
covale15 covale both ? A ASN 22 C ? ? ? 1_555 A XCP 23 N ? ? A ASN 21 A XCP 22 1_555 ? ? ? ? ? ? ? 1.331 ? ? 
covale16 covale both ? A XCP 23 C ? ? ? 1_555 A LEU 24 N ? ? A XCP 22 A LEU 23 1_555 ? ? ? ? ? ? ? 1.317 ? ? 
covale17 covale both ? A ALA 25 C ? ? ? 1_555 A HMR 26 N ? ? A ALA 24 A HMR 25 1_555 ? ? ? ? ? ? ? 1.324 ? ? 
covale18 covale both ? A HMR 26 C ? ? ? 1_555 A ILE 27 N ? ? A HMR 25 A ILE 26 1_555 ? ? ? ? ? ? ? 1.332 ? ? 
covale19 covale both ? A LYS 28 C ? ? ? 1_555 A XPC 29 N ? ? A LYS 27 A XPC 28 1_555 ? ? ? ? ? ? ? 1.309 ? ? 
covale20 covale both ? A XPC 29 C ? ? ? 1_555 A LEU 30 N ? ? A XPC 28 A LEU 29 1_555 ? ? ? ? ? ? ? 1.322 ? ? 
covale21 covale both ? A LEU 31 C ? ? ? 1_555 A BAL 32 N ? ? A LEU 30 A BAL 31 1_555 ? ? ? ? ? ? ? 1.324 ? ? 
covale22 covale both ? A BAL 32 C ? ? ? 1_555 A GLU 33 N ? ? A BAL 31 A GLU 32 1_555 ? ? ? ? ? ? ? 1.346 ? ? 
# 
_struct_conn_type.id          covale 
_struct_conn_type.criteria    ? 
_struct_conn_type.reference   ? 
# 
loop_
_pdbx_validate_close_contact.id 
_pdbx_validate_close_contact.PDB_model_num 
_pdbx_validate_close_contact.auth_atom_id_1 
_pdbx_validate_close_contact.auth_asym_id_1 
_pdbx_validate_close_contact.auth_comp_id_1 
_pdbx_validate_close_contact.auth_seq_id_1 
_pdbx_validate_close_contact.PDB_ins_code_1 
_pdbx_validate_close_contact.label_alt_id_1 
_pdbx_validate_close_contact.auth_atom_id_2 
_pdbx_validate_close_contact.auth_asym_id_2 
_pdbx_validate_close_contact.auth_comp_id_2 
_pdbx_validate_close_contact.auth_seq_id_2 
_pdbx_validate_close_contact.PDB_ins_code_2 
_pdbx_validate_close_contact.label_alt_id_2 
_pdbx_validate_close_contact.dist 
1 1 HD21 A ASN 21 ? ? O A HOH 37 ? ? 1.54 
2 1 O    A LEU 30 ? ? O A HOH 46 ? ? 2.18 
# 
loop_
_pdbx_validate_rmsd_angle.id 
_pdbx_validate_rmsd_angle.PDB_model_num 
_pdbx_validate_rmsd_angle.auth_atom_id_1 
_pdbx_validate_rmsd_angle.auth_asym_id_1 
_pdbx_validate_rmsd_angle.auth_comp_id_1 
_pdbx_validate_rmsd_angle.auth_seq_id_1 
_pdbx_validate_rmsd_angle.PDB_ins_code_1 
_pdbx_validate_rmsd_angle.label_alt_id_1 
_pdbx_validate_rmsd_angle.auth_atom_id_2 
_pdbx_validate_rmsd_angle.auth_asym_id_2 
_pdbx_validate_rmsd_angle.auth_comp_id_2 
_pdbx_validate_rmsd_angle.auth_seq_id_2 
_pdbx_validate_rmsd_angle.PDB_ins_code_2 
_pdbx_validate_rmsd_angle.label_alt_id_2 
_pdbx_validate_rmsd_angle.auth_atom_id_3 
_pdbx_validate_rmsd_angle.auth_asym_id_3 
_pdbx_validate_rmsd_angle.auth_comp_id_3 
_pdbx_validate_rmsd_angle.auth_seq_id_3 
_pdbx_validate_rmsd_angle.PDB_ins_code_3 
_pdbx_validate_rmsd_angle.label_alt_id_3 
_pdbx_validate_rmsd_angle.angle_value 
_pdbx_validate_rmsd_angle.angle_target_value 
_pdbx_validate_rmsd_angle.angle_deviation 
_pdbx_validate_rmsd_angle.angle_standard_deviation 
_pdbx_validate_rmsd_angle.linker_flag 
1 1 C A ACE 0  ? ? N A XPC 1  ? ? CA A XPC 1  ? ? 99.91  121.70 -21.79 2.50 Y 
2 1 C A LEU 30 ? ? N A BAL 31 ? ? CA A BAL 31 ? ? 138.27 121.70 16.57  2.50 Y 
# 
_pdbx_validate_torsion.id              1 
_pdbx_validate_torsion.PDB_model_num   1 
_pdbx_validate_torsion.auth_comp_id    HMR 
_pdbx_validate_torsion.auth_asym_id    A 
_pdbx_validate_torsion.auth_seq_id     25 
_pdbx_validate_torsion.PDB_ins_code    ? 
_pdbx_validate_torsion.label_alt_id    ? 
_pdbx_validate_torsion.phi             -17.41 
_pdbx_validate_torsion.psi             -69.34 
# 
loop_
_pdbx_validate_peptide_omega.id 
_pdbx_validate_peptide_omega.PDB_model_num 
_pdbx_validate_peptide_omega.auth_comp_id_1 
_pdbx_validate_peptide_omega.auth_asym_id_1 
_pdbx_validate_peptide_omega.auth_seq_id_1 
_pdbx_validate_peptide_omega.PDB_ins_code_1 
_pdbx_validate_peptide_omega.label_alt_id_1 
_pdbx_validate_peptide_omega.auth_comp_id_2 
_pdbx_validate_peptide_omega.auth_asym_id_2 
_pdbx_validate_peptide_omega.auth_seq_id_2 
_pdbx_validate_peptide_omega.PDB_ins_code_2 
_pdbx_validate_peptide_omega.label_alt_id_2 
_pdbx_validate_peptide_omega.omega 
1  1 LYS A 3  ? ? XCP A 4  ? ? 136.54  
2  1 B3D A 7  ? ? LYS A 8  ? ? 142.84  
3  1 LEU A 9  ? ? XCP A 10 ? ? 136.53  
4  1 B3L A 13 ? ? SER A 14 ? ? 144.47  
5  1 B3L A 16 ? ? TYR A 17 ? ? 138.87  
6  1 HIS A 18 ? ? XCP A 19 ? ? 142.19  
7  1 ASN A 21 ? ? XCP A 22 ? ? 138.26  
8  1 ALA A 24 ? ? HMR A 25 ? ? 134.28  
9  1 LYS A 27 ? ? XPC A 28 ? ? 134.31  
10 1 LEU A 30 ? ? BAL A 31 ? ? -138.15 
# 
loop_
_pdbx_validate_main_chain_plane.id 
_pdbx_validate_main_chain_plane.PDB_model_num 
_pdbx_validate_main_chain_plane.auth_comp_id 
_pdbx_validate_main_chain_plane.auth_asym_id 
_pdbx_validate_main_chain_plane.auth_seq_id 
_pdbx_validate_main_chain_plane.PDB_ins_code 
_pdbx_validate_main_chain_plane.label_alt_id 
_pdbx_validate_main_chain_plane.improper_torsion_angle 
1 1 B3D A 7  ? ? -17.97 
2 1 B3L A 13 ? ? -17.70 
3 1 B3L A 16 ? ? -20.07 
# 
loop_
_pdbx_struct_mod_residue.id 
_pdbx_struct_mod_residue.label_asym_id 
_pdbx_struct_mod_residue.label_comp_id 
_pdbx_struct_mod_residue.label_seq_id 
_pdbx_struct_mod_residue.auth_asym_id 
_pdbx_struct_mod_residue.auth_comp_id 
_pdbx_struct_mod_residue.auth_seq_id 
_pdbx_struct_mod_residue.PDB_ins_code 
_pdbx_struct_mod_residue.parent_comp_id 
_pdbx_struct_mod_residue.details 
1 A B3D 8  A B3D 7  ? ASP '3-AMINOPENTANEDIOIC ACID' 
2 A HMR 26 A HMR 25 ? ARG BETA-HOMOARGININE          
3 A BAL 32 A BAL 31 ? ALA BETA-ALANINE               
# 
_pdbx_struct_special_symmetry.id              1 
_pdbx_struct_special_symmetry.PDB_model_num   1 
_pdbx_struct_special_symmetry.auth_asym_id    A 
_pdbx_struct_special_symmetry.auth_comp_id    HOH 
_pdbx_struct_special_symmetry.auth_seq_id     34 
_pdbx_struct_special_symmetry.PDB_ins_code    ? 
_pdbx_struct_special_symmetry.label_asym_id   B 
_pdbx_struct_special_symmetry.label_comp_id   HOH 
_pdbx_struct_special_symmetry.label_seq_id    . 
# 
loop_
_chem_comp_atom.comp_id 
_chem_comp_atom.atom_id 
_chem_comp_atom.type_symbol 
_chem_comp_atom.pdbx_aromatic_flag 
_chem_comp_atom.pdbx_stereo_config 
_chem_comp_atom.pdbx_ordinal 
ACE C    C N N 1   
ACE O    O N N 2   
ACE CH3  C N N 3   
ACE H    H N N 4   
ACE H1   H N N 5   
ACE H2   H N N 6   
ACE H3   H N N 7   
ALA N    N N N 8   
ALA CA   C N S 9   
ALA C    C N N 10  
ALA O    O N N 11  
ALA CB   C N N 12  
ALA OXT  O N N 13  
ALA H    H N N 14  
ALA H2   H N N 15  
ALA HA   H N N 16  
ALA HB1  H N N 17  
ALA HB2  H N N 18  
ALA HB3  H N N 19  
ALA HXT  H N N 20  
ARG N    N N N 21  
ARG CA   C N S 22  
ARG C    C N N 23  
ARG O    O N N 24  
ARG CB   C N N 25  
ARG CG   C N N 26  
ARG CD   C N N 27  
ARG NE   N N N 28  
ARG CZ   C N N 29  
ARG NH1  N N N 30  
ARG NH2  N N N 31  
ARG OXT  O N N 32  
ARG H    H N N 33  
ARG H2   H N N 34  
ARG HA   H N N 35  
ARG HB2  H N N 36  
ARG HB3  H N N 37  
ARG HG2  H N N 38  
ARG HG3  H N N 39  
ARG HD2  H N N 40  
ARG HD3  H N N 41  
ARG HE   H N N 42  
ARG HH11 H N N 43  
ARG HH12 H N N 44  
ARG HH21 H N N 45  
ARG HH22 H N N 46  
ARG HXT  H N N 47  
ASN N    N N N 48  
ASN CA   C N S 49  
ASN C    C N N 50  
ASN O    O N N 51  
ASN CB   C N N 52  
ASN CG   C N N 53  
ASN OD1  O N N 54  
ASN ND2  N N N 55  
ASN OXT  O N N 56  
ASN H    H N N 57  
ASN H2   H N N 58  
ASN HA   H N N 59  
ASN HB2  H N N 60  
ASN HB3  H N N 61  
ASN HD21 H N N 62  
ASN HD22 H N N 63  
ASN HXT  H N N 64  
B3D OE1  O N N 65  
B3D CD   C N N 66  
B3D OE2  O N N 67  
B3D CG   C N N 68  
B3D CA   C N N 69  
B3D N    N N N 70  
B3D CB   C N N 71  
B3D C    C N N 72  
B3D O    O N N 73  
B3D OXT  O N N 74  
B3D HE1  H N N 75  
B3D HG3  H N N 76  
B3D HG2  H N N 77  
B3D HA   H N N 78  
B3D H    H N N 79  
B3D H2   H N N 80  
B3D HB1  H N N 81  
B3D HB2  H N N 82  
B3D HXT  H N N 83  
B3L O    O N N 84  
B3L C    C N N 85  
B3L CB   C N N 86  
B3L CA   C N S 87  
B3L N    N N N 88  
B3L CG   C N N 89  
B3L CD   C N N 90  
B3L CE2  C N N 91  
B3L CE1  C N N 92  
B3L HB1  H N N 93  
B3L HB2  H N N 94  
B3L HA   H N N 95  
B3L H    H N N 96  
B3L HG   H N N 97  
B3L HGA  H N N 98  
B3L HD   H N N 99  
B3L H3E2 H N N 100 
B3L H2E2 H N N 101 
B3L H1E2 H N N 102 
B3L H3E1 H N N 103 
B3L H2E1 H N N 104 
B3L H1E1 H N N 105 
B3L OXT  O N N 106 
B3L H2   H N N 107 
B3L HXT  H N N 108 
BAL N    N N N 109 
BAL CB   C N N 110 
BAL CA   C N N 111 
BAL C    C N N 112 
BAL O    O N N 113 
BAL OXT  O N N 114 
BAL H    H N N 115 
BAL H2   H N N 116 
BAL HB3  H N N 117 
BAL HB2  H N N 118 
BAL HA1  H N N 119 
BAL HA2  H N N 120 
BAL HXT  H N N 121 
GLU N    N N N 122 
GLU CA   C N S 123 
GLU C    C N N 124 
GLU O    O N N 125 
GLU CB   C N N 126 
GLU CG   C N N 127 
GLU CD   C N N 128 
GLU OE1  O N N 129 
GLU OE2  O N N 130 
GLU OXT  O N N 131 
GLU H    H N N 132 
GLU H2   H N N 133 
GLU HA   H N N 134 
GLU HB2  H N N 135 
GLU HB3  H N N 136 
GLU HG2  H N N 137 
GLU HG3  H N N 138 
GLU HE2  H N N 139 
GLU HXT  H N N 140 
HIS N    N N N 141 
HIS CA   C N S 142 
HIS C    C N N 143 
HIS O    O N N 144 
HIS CB   C N N 145 
HIS CG   C Y N 146 
HIS ND1  N Y N 147 
HIS CD2  C Y N 148 
HIS CE1  C Y N 149 
HIS NE2  N Y N 150 
HIS OXT  O N N 151 
HIS H    H N N 152 
HIS H2   H N N 153 
HIS HA   H N N 154 
HIS HB2  H N N 155 
HIS HB3  H N N 156 
HIS HD1  H N N 157 
HIS HD2  H N N 158 
HIS HE1  H N N 159 
HIS HE2  H N N 160 
HIS HXT  H N N 161 
HMR N    N N N 162 
HMR CB   C N S 163 
HMR CC   C N N 164 
HMR CG   C N N 165 
HMR CD   C N N 166 
HMR NE   N N N 167 
HMR CZ   C N N 168 
HMR NH1  N N N 169 
HMR NH2  N N N 170 
HMR C    C N N 171 
HMR O    O N N 172 
HMR CA   C N N 173 
HMR OXT  O N N 174 
HMR H    H N N 175 
HMR H2   H N N 176 
HMR HB   H N N 177 
HMR HB2  H N N 178 
HMR HB3  H N N 179 
HMR HG2  H N N 180 
HMR HG3  H N N 181 
HMR HD2  H N N 182 
HMR HD3  H N N 183 
HMR HE   H N N 184 
HMR HH1  H N N 185 
HMR HH21 H N N 186 
HMR HH22 H N N 187 
HMR HC1  H N N 188 
HMR HC2  H N N 189 
HMR HXT  H N N 190 
HOH O    O N N 191 
HOH H1   H N N 192 
HOH H2   H N N 193 
ILE N    N N N 194 
ILE CA   C N S 195 
ILE C    C N N 196 
ILE O    O N N 197 
ILE CB   C N S 198 
ILE CG1  C N N 199 
ILE CG2  C N N 200 
ILE CD1  C N N 201 
ILE OXT  O N N 202 
ILE H    H N N 203 
ILE H2   H N N 204 
ILE HA   H N N 205 
ILE HB   H N N 206 
ILE HG12 H N N 207 
ILE HG13 H N N 208 
ILE HG21 H N N 209 
ILE HG22 H N N 210 
ILE HG23 H N N 211 
ILE HD11 H N N 212 
ILE HD12 H N N 213 
ILE HD13 H N N 214 
ILE HXT  H N N 215 
LEU N    N N N 216 
LEU CA   C N S 217 
LEU C    C N N 218 
LEU O    O N N 219 
LEU CB   C N N 220 
LEU CG   C N N 221 
LEU CD1  C N N 222 
LEU CD2  C N N 223 
LEU OXT  O N N 224 
LEU H    H N N 225 
LEU H2   H N N 226 
LEU HA   H N N 227 
LEU HB2  H N N 228 
LEU HB3  H N N 229 
LEU HG   H N N 230 
LEU HD11 H N N 231 
LEU HD12 H N N 232 
LEU HD13 H N N 233 
LEU HD21 H N N 234 
LEU HD22 H N N 235 
LEU HD23 H N N 236 
LEU HXT  H N N 237 
LYS N    N N N 238 
LYS CA   C N S 239 
LYS C    C N N 240 
LYS O    O N N 241 
LYS CB   C N N 242 
LYS CG   C N N 243 
LYS CD   C N N 244 
LYS CE   C N N 245 
LYS NZ   N N N 246 
LYS OXT  O N N 247 
LYS H    H N N 248 
LYS H2   H N N 249 
LYS HA   H N N 250 
LYS HB2  H N N 251 
LYS HB3  H N N 252 
LYS HG2  H N N 253 
LYS HG3  H N N 254 
LYS HD2  H N N 255 
LYS HD3  H N N 256 
LYS HE2  H N N 257 
LYS HE3  H N N 258 
LYS HZ1  H N N 259 
LYS HZ2  H N N 260 
LYS HZ3  H N N 261 
LYS HXT  H N N 262 
MET N    N N N 263 
MET CA   C N S 264 
MET C    C N N 265 
MET O    O N N 266 
MET CB   C N N 267 
MET CG   C N N 268 
MET SD   S N N 269 
MET CE   C N N 270 
MET OXT  O N N 271 
MET H    H N N 272 
MET H2   H N N 273 
MET HA   H N N 274 
MET HB2  H N N 275 
MET HB3  H N N 276 
MET HG2  H N N 277 
MET HG3  H N N 278 
MET HE1  H N N 279 
MET HE2  H N N 280 
MET HE3  H N N 281 
MET HXT  H N N 282 
SER N    N N N 283 
SER CA   C N S 284 
SER C    C N N 285 
SER O    O N N 286 
SER CB   C N N 287 
SER OG   O N N 288 
SER OXT  O N N 289 
SER H    H N N 290 
SER H2   H N N 291 
SER HA   H N N 292 
SER HB2  H N N 293 
SER HB3  H N N 294 
SER HG   H N N 295 
SER HXT  H N N 296 
TYR N    N N N 297 
TYR CA   C N S 298 
TYR C    C N N 299 
TYR O    O N N 300 
TYR CB   C N N 301 
TYR CG   C Y N 302 
TYR CD1  C Y N 303 
TYR CD2  C Y N 304 
TYR CE1  C Y N 305 
TYR CE2  C Y N 306 
TYR CZ   C Y N 307 
TYR OH   O N N 308 
TYR OXT  O N N 309 
TYR H    H N N 310 
TYR H2   H N N 311 
TYR HA   H N N 312 
TYR HB2  H N N 313 
TYR HB3  H N N 314 
TYR HD1  H N N 315 
TYR HD2  H N N 316 
TYR HE1  H N N 317 
TYR HE2  H N N 318 
TYR HH   H N N 319 
TYR HXT  H N N 320 
XCP N    N N N 321 
XCP CB   C N S 322 
XCP CG   C N N 323 
XCP CD   C N N 324 
XCP CE   C N N 325 
XCP CA   C N S 326 
XCP C    C N N 327 
XCP O    O N N 328 
XCP H    H N N 329 
XCP HB   H N N 330 
XCP HG   H N N 331 
XCP HGA  H N N 332 
XCP HD   H N N 333 
XCP HDA  H N N 334 
XCP HE   H N N 335 
XCP HEA  H N N 336 
XCP HA   H N N 337 
XCP H2   H N N 338 
XCP OXT  O N N 339 
XCP HXT  H N N 340 
XPC N    N N N 341 
XPC CB   C N R 342 
XPC CG   C N N 343 
XPC ND   N N N 344 
XPC CE   C N N 345 
XPC CA   C N S 346 
XPC C    C N N 347 
XPC O    O N N 348 
XPC H    H N N 349 
XPC HB   H N N 350 
XPC HG   H N N 351 
XPC HGA  H N N 352 
XPC HND  H N N 353 
XPC HE   H N N 354 
XPC HEA  H N N 355 
XPC HA   H N N 356 
XPC H2   H N N 357 
XPC OXT  O N N 358 
XPC HXT  H N N 359 
# 
loop_
_chem_comp_bond.comp_id 
_chem_comp_bond.atom_id_1 
_chem_comp_bond.atom_id_2 
_chem_comp_bond.value_order 
_chem_comp_bond.pdbx_aromatic_flag 
_chem_comp_bond.pdbx_stereo_config 
_chem_comp_bond.pdbx_ordinal 
ACE C    O    doub N N 1   
ACE C    CH3  sing N N 2   
ACE C    H    sing N N 3   
ACE CH3  H1   sing N N 4   
ACE CH3  H2   sing N N 5   
ACE CH3  H3   sing N N 6   
ALA N    CA   sing N N 7   
ALA N    H    sing N N 8   
ALA N    H2   sing N N 9   
ALA CA   C    sing N N 10  
ALA CA   CB   sing N N 11  
ALA CA   HA   sing N N 12  
ALA C    O    doub N N 13  
ALA C    OXT  sing N N 14  
ALA CB   HB1  sing N N 15  
ALA CB   HB2  sing N N 16  
ALA CB   HB3  sing N N 17  
ALA OXT  HXT  sing N N 18  
ARG N    CA   sing N N 19  
ARG N    H    sing N N 20  
ARG N    H2   sing N N 21  
ARG CA   C    sing N N 22  
ARG CA   CB   sing N N 23  
ARG CA   HA   sing N N 24  
ARG C    O    doub N N 25  
ARG C    OXT  sing N N 26  
ARG CB   CG   sing N N 27  
ARG CB   HB2  sing N N 28  
ARG CB   HB3  sing N N 29  
ARG CG   CD   sing N N 30  
ARG CG   HG2  sing N N 31  
ARG CG   HG3  sing N N 32  
ARG CD   NE   sing N N 33  
ARG CD   HD2  sing N N 34  
ARG CD   HD3  sing N N 35  
ARG NE   CZ   sing N N 36  
ARG NE   HE   sing N N 37  
ARG CZ   NH1  sing N N 38  
ARG CZ   NH2  doub N N 39  
ARG NH1  HH11 sing N N 40  
ARG NH1  HH12 sing N N 41  
ARG NH2  HH21 sing N N 42  
ARG NH2  HH22 sing N N 43  
ARG OXT  HXT  sing N N 44  
ASN N    CA   sing N N 45  
ASN N    H    sing N N 46  
ASN N    H2   sing N N 47  
ASN CA   C    sing N N 48  
ASN CA   CB   sing N N 49  
ASN CA   HA   sing N N 50  
ASN C    O    doub N N 51  
ASN C    OXT  sing N N 52  
ASN CB   CG   sing N N 53  
ASN CB   HB2  sing N N 54  
ASN CB   HB3  sing N N 55  
ASN CG   OD1  doub N N 56  
ASN CG   ND2  sing N N 57  
ASN ND2  HD21 sing N N 58  
ASN ND2  HD22 sing N N 59  
ASN OXT  HXT  sing N N 60  
B3D OE1  CD   sing N N 61  
B3D OE1  HE1  sing N N 62  
B3D CD   OE2  doub N N 63  
B3D CD   CG   sing N N 64  
B3D CG   CA   sing N N 65  
B3D CG   HG3  sing N N 66  
B3D CG   HG2  sing N N 67  
B3D CA   N    sing N N 68  
B3D CA   CB   sing N N 69  
B3D CA   HA   sing N N 70  
B3D N    H    sing N N 71  
B3D N    H2   sing N N 72  
B3D CB   C    sing N N 73  
B3D CB   HB1  sing N N 74  
B3D CB   HB2  sing N N 75  
B3D C    OXT  sing N N 76  
B3D C    O    doub N N 77  
B3D OXT  HXT  sing N N 78  
B3L C    O    doub N N 79  
B3L C    OXT  sing N N 80  
B3L CB   C    sing N N 81  
B3L CA   CB   sing N N 82  
B3L CA   HA   sing N N 83  
B3L N    CA   sing N N 84  
B3L N    H2   sing N N 85  
B3L CG   CA   sing N N 86  
B3L CG   HG   sing N N 87  
B3L CD   CG   sing N N 88  
B3L CD   CE1  sing N N 89  
B3L CE2  CD   sing N N 90  
B3L CE2  H1E2 sing N N 91  
B3L CE1  H1E1 sing N N 92  
B3L CE1  H3E1 sing N N 93  
B3L HB1  CB   sing N N 94  
B3L HB2  CB   sing N N 95  
B3L H    N    sing N N 96  
B3L HGA  CG   sing N N 97  
B3L HD   CD   sing N N 98  
B3L H3E2 CE2  sing N N 99  
B3L H2E2 CE2  sing N N 100 
B3L H2E1 CE1  sing N N 101 
B3L OXT  HXT  sing N N 102 
BAL N    CB   sing N N 103 
BAL N    H    sing N N 104 
BAL N    H2   sing N N 105 
BAL CB   CA   sing N N 106 
BAL CB   HB3  sing N N 107 
BAL CB   HB2  sing N N 108 
BAL CA   C    sing N N 109 
BAL CA   HA1  sing N N 110 
BAL CA   HA2  sing N N 111 
BAL C    O    doub N N 112 
BAL C    OXT  sing N N 113 
BAL OXT  HXT  sing N N 114 
GLU N    CA   sing N N 115 
GLU N    H    sing N N 116 
GLU N    H2   sing N N 117 
GLU CA   C    sing N N 118 
GLU CA   CB   sing N N 119 
GLU CA   HA   sing N N 120 
GLU C    O    doub N N 121 
GLU C    OXT  sing N N 122 
GLU CB   CG   sing N N 123 
GLU CB   HB2  sing N N 124 
GLU CB   HB3  sing N N 125 
GLU CG   CD   sing N N 126 
GLU CG   HG2  sing N N 127 
GLU CG   HG3  sing N N 128 
GLU CD   OE1  doub N N 129 
GLU CD   OE2  sing N N 130 
GLU OE2  HE2  sing N N 131 
GLU OXT  HXT  sing N N 132 
HIS N    CA   sing N N 133 
HIS N    H    sing N N 134 
HIS N    H2   sing N N 135 
HIS CA   C    sing N N 136 
HIS CA   CB   sing N N 137 
HIS CA   HA   sing N N 138 
HIS C    O    doub N N 139 
HIS C    OXT  sing N N 140 
HIS CB   CG   sing N N 141 
HIS CB   HB2  sing N N 142 
HIS CB   HB3  sing N N 143 
HIS CG   ND1  sing Y N 144 
HIS CG   CD2  doub Y N 145 
HIS ND1  CE1  doub Y N 146 
HIS ND1  HD1  sing N N 147 
HIS CD2  NE2  sing Y N 148 
HIS CD2  HD2  sing N N 149 
HIS CE1  NE2  sing Y N 150 
HIS CE1  HE1  sing N N 151 
HIS NE2  HE2  sing N N 152 
HIS OXT  HXT  sing N N 153 
HMR N    CB   sing N N 154 
HMR N    H    sing N N 155 
HMR N    H2   sing N N 156 
HMR CB   CC   sing N N 157 
HMR CB   CA   sing N N 158 
HMR CB   HB   sing N N 159 
HMR CC   CG   sing N N 160 
HMR CC   HB2  sing N N 161 
HMR CC   HB3  sing N N 162 
HMR CG   CD   sing N N 163 
HMR CG   HG2  sing N N 164 
HMR CG   HG3  sing N N 165 
HMR CD   NE   sing N N 166 
HMR CD   HD2  sing N N 167 
HMR CD   HD3  sing N N 168 
HMR NE   CZ   sing N N 169 
HMR NE   HE   sing N N 170 
HMR CZ   NH1  doub N N 171 
HMR CZ   NH2  sing N N 172 
HMR NH1  HH1  sing N N 173 
HMR NH2  HH21 sing N N 174 
HMR NH2  HH22 sing N N 175 
HMR C    O    doub N N 176 
HMR C    CA   sing N N 177 
HMR C    OXT  sing N N 178 
HMR CA   HC1  sing N N 179 
HMR CA   HC2  sing N N 180 
HMR OXT  HXT  sing N N 181 
HOH O    H1   sing N N 182 
HOH O    H2   sing N N 183 
ILE N    CA   sing N N 184 
ILE N    H    sing N N 185 
ILE N    H2   sing N N 186 
ILE CA   C    sing N N 187 
ILE CA   CB   sing N N 188 
ILE CA   HA   sing N N 189 
ILE C    O    doub N N 190 
ILE C    OXT  sing N N 191 
ILE CB   CG1  sing N N 192 
ILE CB   CG2  sing N N 193 
ILE CB   HB   sing N N 194 
ILE CG1  CD1  sing N N 195 
ILE CG1  HG12 sing N N 196 
ILE CG1  HG13 sing N N 197 
ILE CG2  HG21 sing N N 198 
ILE CG2  HG22 sing N N 199 
ILE CG2  HG23 sing N N 200 
ILE CD1  HD11 sing N N 201 
ILE CD1  HD12 sing N N 202 
ILE CD1  HD13 sing N N 203 
ILE OXT  HXT  sing N N 204 
LEU N    CA   sing N N 205 
LEU N    H    sing N N 206 
LEU N    H2   sing N N 207 
LEU CA   C    sing N N 208 
LEU CA   CB   sing N N 209 
LEU CA   HA   sing N N 210 
LEU C    O    doub N N 211 
LEU C    OXT  sing N N 212 
LEU CB   CG   sing N N 213 
LEU CB   HB2  sing N N 214 
LEU CB   HB3  sing N N 215 
LEU CG   CD1  sing N N 216 
LEU CG   CD2  sing N N 217 
LEU CG   HG   sing N N 218 
LEU CD1  HD11 sing N N 219 
LEU CD1  HD12 sing N N 220 
LEU CD1  HD13 sing N N 221 
LEU CD2  HD21 sing N N 222 
LEU CD2  HD22 sing N N 223 
LEU CD2  HD23 sing N N 224 
LEU OXT  HXT  sing N N 225 
LYS N    CA   sing N N 226 
LYS N    H    sing N N 227 
LYS N    H2   sing N N 228 
LYS CA   C    sing N N 229 
LYS CA   CB   sing N N 230 
LYS CA   HA   sing N N 231 
LYS C    O    doub N N 232 
LYS C    OXT  sing N N 233 
LYS CB   CG   sing N N 234 
LYS CB   HB2  sing N N 235 
LYS CB   HB3  sing N N 236 
LYS CG   CD   sing N N 237 
LYS CG   HG2  sing N N 238 
LYS CG   HG3  sing N N 239 
LYS CD   CE   sing N N 240 
LYS CD   HD2  sing N N 241 
LYS CD   HD3  sing N N 242 
LYS CE   NZ   sing N N 243 
LYS CE   HE2  sing N N 244 
LYS CE   HE3  sing N N 245 
LYS NZ   HZ1  sing N N 246 
LYS NZ   HZ2  sing N N 247 
LYS NZ   HZ3  sing N N 248 
LYS OXT  HXT  sing N N 249 
MET N    CA   sing N N 250 
MET N    H    sing N N 251 
MET N    H2   sing N N 252 
MET CA   C    sing N N 253 
MET CA   CB   sing N N 254 
MET CA   HA   sing N N 255 
MET C    O    doub N N 256 
MET C    OXT  sing N N 257 
MET CB   CG   sing N N 258 
MET CB   HB2  sing N N 259 
MET CB   HB3  sing N N 260 
MET CG   SD   sing N N 261 
MET CG   HG2  sing N N 262 
MET CG   HG3  sing N N 263 
MET SD   CE   sing N N 264 
MET CE   HE1  sing N N 265 
MET CE   HE2  sing N N 266 
MET CE   HE3  sing N N 267 
MET OXT  HXT  sing N N 268 
SER N    CA   sing N N 269 
SER N    H    sing N N 270 
SER N    H2   sing N N 271 
SER CA   C    sing N N 272 
SER CA   CB   sing N N 273 
SER CA   HA   sing N N 274 
SER C    O    doub N N 275 
SER C    OXT  sing N N 276 
SER CB   OG   sing N N 277 
SER CB   HB2  sing N N 278 
SER CB   HB3  sing N N 279 
SER OG   HG   sing N N 280 
SER OXT  HXT  sing N N 281 
TYR N    CA   sing N N 282 
TYR N    H    sing N N 283 
TYR N    H2   sing N N 284 
TYR CA   C    sing N N 285 
TYR CA   CB   sing N N 286 
TYR CA   HA   sing N N 287 
TYR C    O    doub N N 288 
TYR C    OXT  sing N N 289 
TYR CB   CG   sing N N 290 
TYR CB   HB2  sing N N 291 
TYR CB   HB3  sing N N 292 
TYR CG   CD1  doub Y N 293 
TYR CG   CD2  sing Y N 294 
TYR CD1  CE1  sing Y N 295 
TYR CD1  HD1  sing N N 296 
TYR CD2  CE2  doub Y N 297 
TYR CD2  HD2  sing N N 298 
TYR CE1  CZ   doub Y N 299 
TYR CE1  HE1  sing N N 300 
TYR CE2  CZ   sing Y N 301 
TYR CE2  HE2  sing N N 302 
TYR CZ   OH   sing N N 303 
TYR OH   HH   sing N N 304 
TYR OXT  HXT  sing N N 305 
XCP N    H    sing N N 306 
XCP N    H2   sing N N 307 
XCP CB   N    sing N N 308 
XCP CB   CG   sing N N 309 
XCP CG   HGA  sing N N 310 
XCP CD   CG   sing N N 311 
XCP CD   HD   sing N N 312 
XCP CE   CD   sing N N 313 
XCP CE   CA   sing N N 314 
XCP CE   HE   sing N N 315 
XCP CA   CB   sing N N 316 
XCP CA   HA   sing N N 317 
XCP C    CA   sing N N 318 
XCP C    OXT  sing N N 319 
XCP O    C    doub N N 320 
XCP HB   CB   sing N N 321 
XCP HG   CG   sing N N 322 
XCP HDA  CD   sing N N 323 
XCP HEA  CE   sing N N 324 
XCP OXT  HXT  sing N N 325 
XPC N    H    sing N N 326 
XPC N    H2   sing N N 327 
XPC CB   N    sing N N 328 
XPC CB   CG   sing N N 329 
XPC CG   HGA  sing N N 330 
XPC ND   CG   sing N N 331 
XPC ND   HND  sing N N 332 
XPC CE   ND   sing N N 333 
XPC CE   HE   sing N N 334 
XPC CE   CA   sing N N 335 
XPC CA   CB   sing N N 336 
XPC CA   HA   sing N N 337 
XPC C    CA   sing N N 338 
XPC C    OXT  sing N N 339 
XPC O    C    doub N N 340 
XPC HB   CB   sing N N 341 
XPC HG   CG   sing N N 342 
XPC HEA  CE   sing N N 343 
XPC OXT  HXT  sing N N 344 
# 
_atom_sites.entry_id                    3C3H 
_atom_sites.fract_transf_matrix[1][1]   0.00857693 
_atom_sites.fract_transf_matrix[1][2]   -0.01672701 
_atom_sites.fract_transf_matrix[1][3]   0.02097136 
_atom_sites.fract_transf_matrix[2][1]   0.02056026 
_atom_sites.fract_transf_matrix[2][2]   0.01824081 
_atom_sites.fract_transf_matrix[2][3]   0.00614029 
_atom_sites.fract_transf_matrix[3][1]   -0.01336514 
_atom_sites.fract_transf_matrix[3][2]   0.01042542 
_atom_sites.fract_transf_matrix[3][3]   0.01378156 
_atom_sites.fract_transf_vector[1]      0.327668 
_atom_sites.fract_transf_vector[2]      -0.103987 
_atom_sites.fract_transf_vector[3]      -0.009091 
# 
loop_
_atom_type.symbol 
C 
H 
N 
O 
S 
# 
loop_
_atom_site.group_PDB 
_atom_site.id 
_atom_site.type_symbol 
_atom_site.label_atom_id 
_atom_site.label_alt_id 
_atom_site.label_comp_id 
_atom_site.label_asym_id 
_atom_site.label_entity_id 
_atom_site.label_seq_id 
_atom_site.pdbx_PDB_ins_code 
_atom_site.Cartn_x 
_atom_site.Cartn_y 
_atom_site.Cartn_z 
_atom_site.occupancy 
_atom_site.B_iso_or_equiv 
_atom_site.pdbx_formal_charge 
_atom_site.auth_seq_id 
_atom_site.auth_comp_id 
_atom_site.auth_asym_id 
_atom_site.auth_atom_id 
_atom_site.pdbx_PDB_model_num 
HETATM 1   C C    . ACE A 1 1  ? -9.275  17.586  12.477  1.00 17.46 ? 0  ACE A C    1 
HETATM 2   O O    . ACE A 1 1  ? -9.887  16.520  12.535  1.00 18.53 ? 0  ACE A O    1 
HETATM 3   C CH3  . ACE A 1 1  ? -9.752  18.695  11.585  1.00 17.82 ? 0  ACE A CH3  1 
HETATM 4   H H1   . ACE A 1 1  ? -10.719 19.097  11.998  0.00 18.79 ? 0  ACE A H1   1 
HETATM 5   H H2   . ACE A 1 1  ? -9.840  18.419  10.606  0.00 2.00  ? 0  ACE A H2   1 
HETATM 6   H H3   . ACE A 1 1  ? -9.033  19.577  11.691  0.00 2.00  ? 0  ACE A H3   1 
HETATM 7   N N    . XPC A 1 2  ? -8.174  17.826  13.181  1.00 17.09 ? 1  XPC A N    1 
HETATM 8   C CB   . XPC A 1 2  ? -7.569  16.838  14.109  1.00 16.83 ? 1  XPC A CB   1 
HETATM 9   C CG   . XPC A 1 2  ? -6.503  17.555  14.961  1.00 17.08 ? 1  XPC A CG   1 
HETATM 10  N ND   . XPC A 1 2  ? -6.425  16.813  16.283  1.00 17.49 ? 1  XPC A ND   1 
HETATM 11  C CE   . XPC A 1 2  ? -7.763  16.072  16.466  1.00 17.01 ? 1  XPC A CE   1 
HETATM 12  C CA   . XPC A 1 2  ? -8.467  16.044  15.103  1.00 17.32 ? 1  XPC A CA   1 
HETATM 13  C C    . XPC A 1 2  ? -8.799  14.587  14.721  1.00 18.05 ? 1  XPC A C    1 
HETATM 14  O O    . XPC A 1 2  ? -8.070  13.867  14.085  1.00 16.45 ? 1  XPC A O    1 
HETATM 15  H H2   . XPC A 1 2  ? -7.775  18.578  13.115  1.00 17.12 ? 1  XPC A H2   1 
HETATM 16  H HB   . XPC A 1 2  ? -7.098  16.182  13.553  1.00 17.13 ? 1  XPC A HB   1 
HETATM 17  H HG   . XPC A 1 2  ? -6.764  18.486  15.121  1.00 17.12 ? 1  XPC A HG   1 
HETATM 18  H HGA  . XPC A 1 2  ? -5.636  17.523  14.507  1.00 17.12 ? 1  XPC A HGA  1 
HETATM 19  H HND  . XPC A 1 2  ? -5.686  16.169  16.261  1.00 17.28 ? 1  XPC A HND  1 
HETATM 20  H HE   . XPC A 1 2  ? -8.319  16.546  17.118  1.00 17.26 ? 1  XPC A HE   1 
HETATM 21  H HEA  . XPC A 1 2  ? -7.588  15.161  16.777  1.00 17.26 ? 1  XPC A HEA  1 
HETATM 22  H HA   . XPC A 1 2  ? -9.308  16.538  15.192  1.00 17.30 ? 1  XPC A HA   1 
HETATM 23  H HD1  . XPC A 1 2  ? -6.292  17.450  17.016  1.00 17.28 ? 1  XPC A HD1  1 
ATOM   24  N N    . MET A 1 3  ? -9.960  14.197  15.156  1.00 19.73 ? 2  MET A N    1 
ATOM   25  C CA   . MET A 1 3  ? -10.535 12.878  14.949  1.00 21.56 ? 2  MET A CA   1 
ATOM   26  C C    . MET A 1 3  ? -10.661 12.490  13.459  1.00 21.17 ? 2  MET A C    1 
ATOM   27  O O    . MET A 1 3  ? -10.252 11.401  13.051  1.00 20.61 ? 2  MET A O    1 
ATOM   28  C CB   . MET A 1 3  ? -11.938 12.880  15.598  1.00 22.72 ? 2  MET A CB   1 
ATOM   29  C CG   . MET A 1 3  ? -12.530 11.518  15.935  1.00 26.84 ? 2  MET A CG   1 
ATOM   30  S SD   . MET A 1 3  ? -11.497 10.725  17.160  1.00 35.61 ? 2  MET A SD   1 
ATOM   31  C CE   . MET A 1 3  ? -12.355 9.172   17.365  1.00 35.45 ? 2  MET A CE   1 
ATOM   32  H H    . MET A 1 3  ? -10.476 14.714  15.609  1.00 19.77 ? 2  MET A H    1 
ATOM   33  H HA   . MET A 1 3  ? -9.974  12.216  15.402  1.00 21.34 ? 2  MET A HA   1 
ATOM   34  H HB2  . MET A 1 3  ? -11.894 13.372  16.432  1.00 22.51 ? 2  MET A HB2  1 
ATOM   35  H HB3  . MET A 1 3  ? -12.559 13.323  14.997  1.00 22.51 ? 2  MET A HB3  1 
ATOM   36  H HG2  . MET A 1 3  ? -13.421 11.630  16.304  1.00 27.94 ? 2  MET A HG2  1 
ATOM   37  H HG3  . MET A 1 3  ? -12.553 10.964  15.140  1.00 27.94 ? 2  MET A HG3  1 
ATOM   38  H HE1  . MET A 1 3  ? -13.204 9.532   17.772  0.00 36.96 ? 2  MET A HE1  1 
ATOM   39  H HE2  . MET A 1 3  ? -11.853 8.776   18.040  0.00 36.96 ? 2  MET A HE2  1 
ATOM   40  H HE3  . MET A 1 3  ? -12.450 8.827   16.586  0.00 36.96 ? 2  MET A HE3  1 
ATOM   41  N N    . LYS A 1 4  ? -11.243 13.393  12.668  1.00 21.14 ? 3  LYS A N    1 
ATOM   42  C CA   . LYS A 1 4  ? -11.581 13.144  11.269  1.00 20.23 ? 3  LYS A CA   1 
ATOM   43  C C    . LYS A 1 4  ? -10.392 13.337  10.324  1.00 19.72 ? 3  LYS A C    1 
ATOM   44  O O    . LYS A 1 4  ? -10.300 12.702  9.273   1.00 19.54 ? 3  LYS A O    1 
ATOM   45  C CB   . LYS A 1 4  ? -12.704 14.087  10.859  1.00 20.75 ? 3  LYS A CB   1 
ATOM   46  H H    . LYS A 1 4  ? -11.455 14.184  12.932  1.00 20.91 ? 3  LYS A H    1 
ATOM   47  H HA   . LYS A 1 4  ? -11.907 12.224  11.169  1.00 20.42 ? 3  LYS A HA   1 
ATOM   48  H HB2  . LYS A 1 4  ? -13.486 13.895  11.426  0.00 21.78 ? 3  LYS A HB2  1 
ATOM   49  H HB3  . LYS A 1 4  ? -12.458 14.986  10.942  0.00 21.78 ? 3  LYS A HB3  1 
HETATM 50  N N    . XCP A 1 5  ? -9.472  14.209  10.679  1.00 18.69 ? 4  XCP A N    1 
HETATM 51  C CB   . XCP A 1 5  ? -8.303  14.442  9.818   1.00 17.43 ? 4  XCP A CB   1 
HETATM 52  C CG   . XCP A 1 5  ? -8.208  15.833  9.190   1.00 16.57 ? 4  XCP A CG   1 
HETATM 53  C CD   . XCP A 1 5  ? -6.912  16.439  9.745   1.00 16.13 ? 4  XCP A CD   1 
HETATM 54  C CE   . XCP A 1 5  ? -6.033  15.225  10.028  1.00 16.34 ? 4  XCP A CE   1 
HETATM 55  C CA   . XCP A 1 5  ? -7.044  14.288  10.689  1.00 16.56 ? 4  XCP A CA   1 
HETATM 56  C C    . XCP A 1 5  ? -6.544  12.873  10.815  1.00 15.30 ? 4  XCP A C    1 
HETATM 57  O O    . XCP A 1 5  ? -5.888  12.399  9.934   1.00 15.54 ? 4  XCP A O    1 
HETATM 58  H H2   . XCP A 1 5  ? -9.524  14.657  11.407  1.00 18.63 ? 4  XCP A H2   1 
HETATM 59  H HB   . XCP A 1 5  ? -8.267  13.776  9.101   1.00 17.51 ? 4  XCP A HB   1 
HETATM 60  H HG   . XCP A 1 5  ? -8.979  16.379  9.454   1.00 16.67 ? 4  XCP A HG   1 
HETATM 61  H HGA  . XCP A 1 5  ? -8.160  15.763  8.213   1.00 16.67 ? 4  XCP A HGA  1 
HETATM 62  H HD   . XCP A 1 5  ? -7.093  16.930  10.574  1.00 16.28 ? 4  XCP A HD   1 
HETATM 63  H HDA  . XCP A 1 5  ? -6.489  17.025  9.089   1.00 16.28 ? 4  XCP A HDA  1 
HETATM 64  H HE   . XCP A 1 5  ? -5.306  15.452  10.645  1.00 16.45 ? 4  XCP A HE   1 
HETATM 65  H HEA  . XCP A 1 5  ? -5.685  14.846  9.194   1.00 16.45 ? 4  XCP A HEA  1 
HETATM 66  H HA   . XCP A 1 5  ? -7.235  14.634  11.586  1.00 16.43 ? 4  XCP A HA   1 
ATOM   67  N N    . ILE A 1 6  ? -6.867  12.230  11.914  1.00 14.52 ? 5  ILE A N    1 
ATOM   68  C CA   . ILE A 1 6  ? -6.459  10.848  12.191  1.00 13.53 ? 5  ILE A CA   1 
ATOM   69  C C    . ILE A 1 6  ? -7.064  9.836   11.251  1.00 13.70 ? 5  ILE A C    1 
ATOM   70  O O    . ILE A 1 6  ? -6.326  9.086   10.614  1.00 13.75 ? 5  ILE A O    1 
ATOM   71  C CB   . ILE A 1 6  ? -6.750  10.454  13.673  1.00 13.00 ? 5  ILE A CB   1 
ATOM   72  C CG1  . ILE A 1 6  ? -5.768  11.167  14.611  1.00 11.13 ? 5  ILE A CG1  1 
ATOM   73  C CG2  . ILE A 1 6  ? -6.638  8.931   13.892  1.00 11.64 ? 5  ILE A CG2  1 
ATOM   74  C CD1  . ILE A 1 6  ? -6.248  11.305  16.015  1.00 10.03 ? 5  ILE A CD1  1 
ATOM   75  H H    . ILE A 1 6  ? -7.340  12.577  12.543  1.00 14.46 ? 5  ILE A H    1 
ATOM   76  H HA   . ILE A 1 6  ? -5.488  10.798  12.072  1.00 13.66 ? 5  ILE A HA   1 
ATOM   77  H HB   . ILE A 1 6  ? -7.652  10.732  13.899  1.00 12.94 ? 5  ILE A HB   1 
ATOM   78  H HG12 . ILE A 1 6  ? -4.937  10.666  14.632  1.00 11.31 ? 5  ILE A HG12 1 
ATOM   79  H HG13 . ILE A 1 6  ? -5.601  12.060  14.271  1.00 11.31 ? 5  ILE A HG13 1 
ATOM   80  H HG21 . ILE A 1 6  ? -7.373  8.534   13.368  0.00 12.23 ? 5  ILE A HG21 1 
ATOM   81  H HG22 . ILE A 1 6  ? -6.885  8.761   14.844  0.00 12.23 ? 5  ILE A HG22 1 
ATOM   82  H HG23 . ILE A 1 6  ? -5.834  8.618   13.684  0.00 12.23 ? 5  ILE A HG23 1 
ATOM   83  H HD11 . ILE A 1 6  ? -5.561  11.821  16.528  0.00 12.06 ? 5  ILE A HD11 1 
ATOM   84  H HD12 . ILE A 1 6  ? -6.498  10.565  16.398  0.00 12.06 ? 5  ILE A HD12 1 
ATOM   85  H HD13 . ILE A 1 6  ? -7.012  11.982  15.947  0.00 12.06 ? 5  ILE A HD13 1 
ATOM   86  N N    . GLU A 1 7  ? -8.395  9.820   11.153  1.00 14.31 ? 6  GLU A N    1 
ATOM   87  C CA   . GLU A 1 7  ? -9.134  8.842   10.302  1.00 14.29 ? 6  GLU A CA   1 
ATOM   88  C C    . GLU A 1 7  ? -8.820  9.040   8.841   1.00 13.80 ? 6  GLU A C    1 
ATOM   89  O O    . GLU A 1 7  ? -8.563  8.080   8.157   1.00 14.19 ? 6  GLU A O    1 
ATOM   90  C CB   . GLU A 1 7  ? -10.672 8.906   10.527  1.00 13.77 ? 6  GLU A CB   1 
ATOM   91  H H    . GLU A 1 7  ? -8.909  10.368  11.571  1.00 14.14 ? 6  GLU A H    1 
ATOM   92  H HA   . GLU A 1 7  ? -8.841  7.939   10.547  1.00 14.08 ? 6  GLU A HA   1 
ATOM   93  H HB2  . GLU A 1 7  ? -10.845 8.678   11.512  0.00 15.11 ? 6  GLU A HB2  1 
ATOM   94  H HB3  . GLU A 1 7  ? -11.005 9.781   10.398  0.00 15.11 ? 6  GLU A HB3  1 
HETATM 95  O OE1  . B3D A 1 8  ? -9.580  10.652  4.054   1.00 25.02 ? 7  B3D A OE1  1 
HETATM 96  C CD   . B3D A 1 8  ? -10.294 10.926  5.050   1.00 20.68 ? 7  B3D A CD   1 
HETATM 97  O OE2  . B3D A 1 8  ? -11.536 10.869  4.973   1.00 22.32 ? 7  B3D A OE2  1 
HETATM 98  C CG   . B3D A 1 8  ? -9.704  11.370  6.374   1.00 16.70 ? 7  B3D A CG   1 
HETATM 99  C CA   . B3D A 1 8  ? -8.545  10.539  6.952   1.00 14.49 ? 7  B3D A CA   1 
HETATM 100 N N    . B3D A 1 8  ? -8.840  10.275  8.362   1.00 14.05 ? 7  B3D A N    1 
HETATM 101 C CB   . B3D A 1 8  ? -7.239  11.327  6.778   1.00 14.12 ? 7  B3D A CB   1 
HETATM 102 C C    . B3D A 1 8  ? -6.001  10.459  6.679   1.00 13.58 ? 7  B3D A C    1 
HETATM 103 O O    . B3D A 1 8  ? -5.762  9.786   5.685   1.00 13.41 ? 7  B3D A O    1 
HETATM 104 H HG3  . B3D A 1 8  ? -10.518 11.363  7.102   1.00 17.11 ? 7  B3D A HG3  1 
HETATM 105 H HG2  . B3D A 1 8  ? -9.390  12.411  6.278   1.00 17.11 ? 7  B3D A HG2  1 
HETATM 106 H HA   . B3D A 1 8  ? -8.470  9.606   6.375   1.00 14.35 ? 7  B3D A HA   1 
HETATM 107 H H    . B3D A 1 8  ? -9.026  10.947  8.858   1.00 14.10 ? 7  B3D A H    1 
HETATM 108 H HB1  . B3D A 1 8  ? -7.134  12.025  7.612   1.00 13.97 ? 7  B3D A HB1  1 
HETATM 109 H HB2  . B3D A 1 8  ? -7.300  11.925  5.866   1.00 13.97 ? 7  B3D A HB2  1 
ATOM   110 N N    . LYS A 1 9  ? -5.206  10.487  7.746   1.00 13.18 ? 8  LYS A N    1 
ATOM   111 C CA   . LYS A 1 9  ? -3.959  9.720   7.854   1.00 12.77 ? 8  LYS A CA   1 
ATOM   112 C C    . LYS A 1 9  ? -4.152  8.210   7.783   1.00 11.69 ? 8  LYS A C    1 
ATOM   113 O O    . LYS A 1 9  ? -3.374  7.545   7.115   1.00 11.06 ? 8  LYS A O    1 
ATOM   114 C CB   . LYS A 1 9  ? -3.183  10.124  9.142   1.00 13.33 ? 8  LYS A CB   1 
ATOM   115 C CG   . LYS A 1 9  ? -2.694  11.598  9.121   1.00 14.54 ? 8  LYS A CG   1 
ATOM   116 C CD   . LYS A 1 9  ? -2.131  12.040  10.482  1.00 17.20 ? 8  LYS A CD   1 
ATOM   117 C CE   . LYS A 1 9  ? -1.716  13.502  10.470  1.00 19.84 ? 8  LYS A CE   1 
ATOM   118 H H    . LYS A 1 9  ? -5.372  10.959  8.446   1.00 13.18 ? 8  LYS A H    1 
ATOM   119 H HA   . LYS A 1 9  ? -3.393  9.968   7.093   1.00 12.75 ? 8  LYS A HA   1 
ATOM   120 H HB2  . LYS A 1 9  ? -3.764  10.013  9.910   1.00 13.14 ? 8  LYS A HB2  1 
ATOM   121 H HB3  . LYS A 1 9  ? -2.403  9.554   9.233   1.00 13.14 ? 8  LYS A HB3  1 
ATOM   122 H HG2  . LYS A 1 9  ? -1.988  11.688  8.461   1.00 14.88 ? 8  LYS A HG2  1 
ATOM   123 H HG3  . LYS A 1 9  ? -3.433  12.181  8.898   1.00 14.88 ? 8  LYS A HG3  1 
ATOM   124 H HD2  . LYS A 1 9  ? -2.812  11.923  11.163  1.00 17.20 ? 8  LYS A HD2  1 
ATOM   125 H HD3  . LYS A 1 9  ? -1.349  11.506  10.693  1.00 17.20 ? 8  LYS A HD3  1 
ATOM   126 H HE2  . LYS A 1 9  ? -0.915  13.548  9.820   0.00 21.87 ? 8  LYS A HE2  1 
ATOM   127 H HE3  . LYS A 1 9  ? -2.373  14.067  10.220  0.00 21.87 ? 8  LYS A HE3  1 
ATOM   128 N N    . LEU A 1 10 ? -5.175  7.652   8.443   1.00 11.16 ? 9  LEU A N    1 
ATOM   129 C CA   . LEU A 1 10 ? -5.371  6.196   8.415   1.00 10.69 ? 9  LEU A CA   1 
ATOM   130 C C    . LEU A 1 10 ? -5.771  5.687   7.039   1.00 10.83 ? 9  LEU A C    1 
ATOM   131 O O    . LEU A 1 10 ? -5.267  4.650   6.593   1.00 10.87 ? 9  LEU A O    1 
ATOM   132 C CB   . LEU A 1 10 ? -6.319  5.697   9.506   1.00 10.92 ? 9  LEU A CB   1 
ATOM   133 C CG   . LEU A 1 10 ? -5.711  5.682   10.927  1.00 10.54 ? 9  LEU A CG   1 
ATOM   134 C CD1  . LEU A 1 10 ? -6.754  5.671   11.979  1.00 6.50  ? 9  LEU A CD1  1 
ATOM   135 C CD2  . LEU A 1 10 ? -4.736  4.525   11.144  1.00 10.28 ? 9  LEU A CD2  1 
ATOM   136 H H    . LEU A 1 10 ? -5.757  8.087   8.904   1.00 11.17 ? 9  LEU A H    1 
ATOM   137 H HA   . LEU A 1 10 ? -4.504  5.784   8.613   1.00 10.86 ? 9  LEU A HA   1 
ATOM   138 H HB2  . LEU A 1 10 ? -7.102  6.270   9.524   1.00 10.73 ? 9  LEU A HB2  1 
ATOM   139 H HB3  . LEU A 1 10 ? -6.587  4.789   9.295   1.00 10.73 ? 9  LEU A HB3  1 
ATOM   140 H HG   . LEU A 1 10 ? -5.204  6.503   11.041  1.00 9.79  ? 9  LEU A HG   1 
ATOM   141 H HD11 . LEU A 1 10 ? -6.333  5.676   12.815  0.00 8.51  ? 9  LEU A HD11 1 
ATOM   142 H HD12 . LEU A 1 10 ? -7.286  4.879   11.850  0.00 8.51  ? 9  LEU A HD12 1 
ATOM   143 H HD13 . LEU A 1 10 ? -7.306  6.451   11.855  0.00 8.51  ? 9  LEU A HD13 1 
ATOM   144 H HD21 . LEU A 1 10 ? -5.137  3.720   11.023  0.00 12.45 ? 9  LEU A HD21 1 
ATOM   145 H HD22 . LEU A 1 10 ? -4.365  4.631   12.043  0.00 12.45 ? 9  LEU A HD22 1 
ATOM   146 H HD23 . LEU A 1 10 ? -3.975  4.652   10.519  0.00 12.45 ? 9  LEU A HD23 1 
HETATM 147 N N    . XCP A 1 11 ? -6.662  6.398   6.375   1.00 11.46 ? 10 XCP A N    1 
HETATM 148 C CB   . XCP A 1 11 ? -7.138  6.014   5.028   1.00 11.63 ? 10 XCP A CB   1 
HETATM 149 C CG   . XCP A 1 11 ? -8.648  5.762   4.994   1.00 11.67 ? 10 XCP A CG   1 
HETATM 150 C CD   . XCP A 1 11 ? -9.128  6.347   3.652   1.00 13.56 ? 10 XCP A CD   1 
HETATM 151 C CE   . XCP A 1 11 ? -7.999  7.162   2.968   1.00 11.90 ? 10 XCP A CE   1 
HETATM 152 C CA   . XCP A 1 11 ? -6.860  7.151   3.997   1.00 11.68 ? 10 XCP A CA   1 
HETATM 153 C C    . XCP A 1 11 ? -5.472  6.995   3.388   1.00 11.77 ? 10 XCP A C    1 
HETATM 154 O O    . XCP A 1 11 ? -5.208  6.176   2.506   1.00 12.27 ? 10 XCP A O    1 
HETATM 155 H H2   . XCP A 1 11 ? -6.998  7.113   6.706   1.00 11.34 ? 10 XCP A H2   1 
HETATM 156 H HB   . XCP A 1 11 ? -6.682  5.201   4.730   1.00 11.58 ? 10 XCP A HB   1 
HETATM 157 H HG   . XCP A 1 11 ? -9.086  6.222   5.742   1.00 12.11 ? 10 XCP A HG   1 
HETATM 158 H HGA  . XCP A 1 11 ? -8.832  4.800   5.032   1.00 12.11 ? 10 XCP A HGA  1 
HETATM 159 H HD   . XCP A 1 11 ? -9.896  6.933   3.813   1.00 12.72 ? 10 XCP A HD   1 
HETATM 160 H HDA  . XCP A 1 11 ? -9.399  5.614   3.061   1.00 12.72 ? 10 XCP A HDA  1 
HETATM 161 H HE   . XCP A 1 11 ? -8.296  8.079   2.797   1.00 11.96 ? 10 XCP A HE   1 
HETATM 162 H HEA  . XCP A 1 11 ? -7.723  6.729   2.134   1.00 11.96 ? 10 XCP A HEA  1 
HETATM 163 H HA   . XCP A 1 11 ? -6.897  8.002   4.476   1.00 11.73 ? 10 XCP A HA   1 
ATOM   164 N N    . GLU A 1 12 ? -4.558  7.802   3.874   1.00 11.56 ? 11 GLU A N    1 
ATOM   165 C CA   . GLU A 1 12 ? -3.200  7.748   3.374   1.00 11.40 ? 11 GLU A CA   1 
ATOM   166 C C    . GLU A 1 12 ? -2.557  6.390   3.562   1.00 9.71  ? 11 GLU A C    1 
ATOM   167 O O    . GLU A 1 12 ? -2.034  5.851   2.631   1.00 10.40 ? 11 GLU A O    1 
ATOM   168 C CB   . GLU A 1 12 ? -2.357  8.779   4.073   1.00 12.26 ? 11 GLU A CB   1 
ATOM   169 C CG   . GLU A 1 12 ? -2.802  10.204  3.801   1.00 15.23 ? 11 GLU A CG   1 
ATOM   170 C CD   . GLU A 1 12 ? -1.665  11.200  4.012   1.00 16.88 ? 11 GLU A CD   1 
ATOM   171 O OE1  . GLU A 1 12 ? -0.500  10.875  3.621   1.00 20.87 ? 11 GLU A OE1  1 
ATOM   172 O OE2  . GLU A 1 12 ? -1.972  12.280  4.545   1.00 16.28 ? 11 GLU A OE2  1 
ATOM   173 H H    . GLU A 1 12 ? -4.697  8.388   4.489   1.00 11.57 ? 11 GLU A H    1 
ATOM   174 H HA   . GLU A 1 12 ? -3.203  7.955   2.416   1.00 11.26 ? 11 GLU A HA   1 
ATOM   175 H HB2  . GLU A 1 12 ? -2.404  8.633   5.029   1.00 12.09 ? 11 GLU A HB2  1 
ATOM   176 H HB3  . GLU A 1 12 ? -1.441  8.678   3.771   1.00 12.09 ? 11 GLU A HB3  1 
ATOM   177 H HG2  . GLU A 1 12 ? -3.100  10.278  2.880   1.00 14.92 ? 11 GLU A HG2  1 
ATOM   178 H HG3  . GLU A 1 12 ? -3.523  10.435  4.405   1.00 14.92 ? 11 GLU A HG3  1 
ATOM   179 N N    . ILE A 1 13 ? -2.564  5.860   4.776   1.00 9.33  ? 12 ILE A N    1 
ATOM   180 C CA   . ILE A 1 13 ? -1.844  4.630   5.096   1.00 8.82  ? 12 ILE A CA   1 
ATOM   181 C C    . ILE A 1 13 ? -2.465  3.479   4.361   1.00 8.91  ? 12 ILE A C    1 
ATOM   182 O O    . ILE A 1 13 ? -1.785  2.772   3.645   1.00 9.18  ? 12 ILE A O    1 
ATOM   183 C CB   . ILE A 1 13 ? -1.800  4.351   6.620   1.00 9.45  ? 12 ILE A CB   1 
ATOM   184 C CG1  . ILE A 1 13 ? -0.821  5.323   7.313   1.00 8.19  ? 12 ILE A CG1  1 
ATOM   185 C CG2  . ILE A 1 13 ? -1.396  2.918   6.871   1.00 9.04  ? 12 ILE A CG2  1 
ATOM   186 C CD1  . ILE A 1 13 ? -0.989  5.499   8.828   1.00 8.96  ? 12 ILE A CD1  1 
ATOM   187 H H    . ILE A 1 13 ? -2.987  6.200   5.443   1.00 9.30  ? 12 ILE A H    1 
ATOM   188 H HA   . ILE A 1 13 ? -0.918  4.720   4.786   1.00 9.08  ? 12 ILE A HA   1 
ATOM   189 H HB   . ILE A 1 13 ? -2.685  4.489   6.990   1.00 8.93  ? 12 ILE A HB   1 
ATOM   190 H HG12 . ILE A 1 13 ? 0.083   5.009   7.158   1.00 8.67  ? 12 ILE A HG12 1 
ATOM   191 H HG13 . ILE A 1 13 ? -0.932  6.198   6.913   1.00 8.67  ? 12 ILE A HG13 1 
ATOM   192 H HG21 . ILE A 1 13 ? -1.974  2.338   6.468   0.00 9.20  ? 12 ILE A HG21 1 
ATOM   193 H HG22 . ILE A 1 13 ? -1.323  2.778   7.829   0.00 9.20  ? 12 ILE A HG22 1 
ATOM   194 H HG23 . ILE A 1 13 ? -0.476  2.814   6.504   0.00 9.20  ? 12 ILE A HG23 1 
ATOM   195 H HD11 . ILE A 1 13 ? -0.295  6.146   9.115   0.00 8.77  ? 12 ILE A HD11 1 
ATOM   196 H HD12 . ILE A 1 13 ? -0.879  4.694   9.266   0.00 8.77  ? 12 ILE A HD12 1 
ATOM   197 H HD13 . ILE A 1 13 ? -1.841  5.904   8.978   0.00 8.77  ? 12 ILE A HD13 1 
HETATM 198 O O    . B3L A 1 14 ? -3.631  1.984   0.751   1.00 6.15  ? 13 B3L A O    1 
HETATM 199 C C    . B3L A 1 14 ? -4.033  2.933   1.346   1.00 7.38  ? 13 B3L A C    1 
HETATM 200 C CB   . B3L A 1 14 ? -4.999  2.755   2.524   1.00 7.76  ? 13 B3L A CB   1 
HETATM 201 C CA   . B3L A 1 14 ? -4.460  2.208   3.874   1.00 8.65  ? 13 B3L A CA   1 
HETATM 202 N N    . B3L A 1 14 ? -3.762  3.289   4.537   1.00 8.99  ? 13 B3L A N    1 
HETATM 203 C CG   . B3L A 1 14 ? -5.641  1.768   4.725   1.00 7.82  ? 13 B3L A CG   1 
HETATM 204 C CD   . B3L A 1 14 ? -5.342  0.921   5.963   1.00 8.78  ? 13 B3L A CD   1 
HETATM 205 C CE2  . B3L A 1 14 ? -4.910  -0.481  5.631   1.00 5.08  ? 13 B3L A CE2  1 
HETATM 206 C CE1  . B3L A 1 14 ? -6.592  0.821   6.848   1.00 5.09  ? 13 B3L A CE1  1 
HETATM 207 H HB1  . B3L A 1 14 ? -5.793  2.089   2.183   1.00 7.69  ? 13 B3L A HB1  1 
HETATM 208 H HB2  . B3L A 1 14 ? -5.475  3.716   2.723   1.00 7.69  ? 13 B3L A HB2  1 
HETATM 209 H HA   . B3L A 1 14 ? -3.802  1.346   3.691   1.00 8.38  ? 13 B3L A HA   1 
HETATM 210 H H    . B3L A 1 14 ? -4.300  3.889   5.133   1.00 8.88  ? 13 B3L A H    1 
HETATM 211 H HG   . B3L A 1 14 ? -6.321  1.192   4.096   1.00 8.24  ? 13 B3L A HG   1 
HETATM 212 H HGA  . B3L A 1 14 ? -6.191  2.657   5.042   1.00 8.24  ? 13 B3L A HGA  1 
HETATM 213 H HD   . B3L A 1 14 ? -4.543  1.412   6.533   1.00 7.19  ? 13 B3L A HD   1 
HETATM 214 H H3E2 . B3L A 1 14 ? -5.644  -1.122  6.162   0.00 6.12  ? 13 B3L A H3E2 1 
HETATM 215 H H2E2 . B3L A 1 14 ? -3.983  -0.652  6.038   0.00 6.12  ? 13 B3L A H2E2 1 
HETATM 216 H H1E2 . B3L A 1 14 ? -4.991  -0.653  4.631   0.00 6.12  ? 13 B3L A H1E2 1 
HETATM 217 H H3E1 . B3L A 1 14 ? -6.844  -0.125  7.026   0.00 5.72  ? 13 B3L A H3E1 1 
HETATM 218 H H2E1 . B3L A 1 14 ? -6.332  1.332   7.808   0.00 5.72  ? 13 B3L A H2E1 1 
HETATM 219 H H1E1 . B3L A 1 14 ? -7.378  1.410   6.433   0.00 5.72  ? 13 B3L A H1E1 1 
ATOM   220 N N    . SER A 1 15 ? -3.649  4.167   0.997   1.00 8.49  ? 14 SER A N    1 
ATOM   221 C CA   . SER A 1 15 ? -2.711  4.379   -0.143  1.00 8.95  ? 14 SER A CA   1 
ATOM   222 C C    . SER A 1 15 ? -1.305  3.754   -0.052  1.00 8.20  ? 14 SER A C    1 
ATOM   223 O O    . SER A 1 15 ? -0.781  3.237   -1.040  1.00 9.11  ? 14 SER A O    1 
ATOM   224 C CB   . SER A 1 15 ? -2.694  5.864   -0.603  1.00 9.01  ? 14 SER A CB   1 
ATOM   225 O OG   . SER A 1 15 ? -1.805  6.652   0.158   1.00 12.27 ? 14 SER A OG   1 
ATOM   226 H H    . SER A 1 15 ? -3.906  4.889   1.389   1.00 8.32  ? 14 SER A H    1 
ATOM   227 H HA   . SER A 1 15 ? -3.124  3.910   -0.899  1.00 8.71  ? 14 SER A HA   1 
ATOM   228 H HB2  . SER A 1 15 ? -2.420  5.897   -1.533  1.00 9.37  ? 14 SER A HB2  1 
ATOM   229 H HB3  . SER A 1 15 ? -3.589  6.229   -0.514  1.00 9.37  ? 14 SER A HB3  1 
ATOM   230 H HG   . SER A 1 15 ? -1.898  7.425   -0.186  0.00 11.74 ? 14 SER A HG   1 
ATOM   231 N N    . LYS A 1 16 ? -0.690  3.754   1.104   1.00 7.79  ? 15 LYS A N    1 
ATOM   232 C CA   . LYS A 1 16 ? 0.675   3.210   1.217   1.00 7.37  ? 15 LYS A CA   1 
ATOM   233 C C    . LYS A 1 16 ? 0.719   1.713   1.337   1.00 7.59  ? 15 LYS A C    1 
ATOM   234 O O    . LYS A 1 16 ? 1.663   1.088   0.855   1.00 7.62  ? 15 LYS A O    1 
ATOM   235 C CB   . LYS A 1 16 ? 1.416   3.782   2.439   1.00 8.05  ? 15 LYS A CB   1 
ATOM   236 C CG   . LYS A 1 16 ? 1.405   5.259   2.571   1.00 7.18  ? 15 LYS A CG   1 
ATOM   237 C CD   . LYS A 1 16 ? 2.005   5.926   1.368   1.00 10.29 ? 15 LYS A CD   1 
ATOM   238 C CE   . LYS A 1 16 ? 1.767   7.401   1.410   1.00 10.13 ? 15 LYS A CE   1 
ATOM   239 N NZ   . LYS A 1 16 ? 2.499   7.938   0.282   1.00 9.84  ? 15 LYS A NZ   1 
ATOM   240 H H    . LYS A 1 16 ? -1.028  4.046   1.839   1.00 7.79  ? 15 LYS A H    1 
ATOM   241 H HA   . LYS A 1 16 ? 1.189   3.451   0.420   1.00 7.65  ? 15 LYS A HA   1 
ATOM   242 H HB2  . LYS A 1 16 ? 1.017   3.416   3.244   1.00 7.53  ? 15 LYS A HB2  1 
ATOM   243 H HB3  . LYS A 1 16 ? 2.341   3.503   2.381   1.00 7.53  ? 15 LYS A HB3  1 
ATOM   244 H HG2  . LYS A 1 16 ? 0.494   5.572   2.672   1.00 8.12  ? 15 LYS A HG2  1 
ATOM   245 H HG3  . LYS A 1 16 ? 1.930   5.511   3.346   1.00 8.12  ? 15 LYS A HG3  1 
ATOM   246 H HD2  . LYS A 1 16 ? 2.961   5.774   1.363   1.00 9.52  ? 15 LYS A HD2  1 
ATOM   247 H HD3  . LYS A 1 16 ? 1.603   5.588   0.555   1.00 9.52  ? 15 LYS A HD3  1 
ATOM   248 H HE2  . LYS A 1 16 ? 0.822   7.594   1.303   1.00 10.10 ? 15 LYS A HE2  1 
ATOM   249 H HE3  . LYS A 1 16 ? 2.117   7.777   2.232   1.00 10.10 ? 15 LYS A HE3  1 
ATOM   250 H HZ1  . LYS A 1 16 ? 3.441   7.669   0.491   0.00 11.20 ? 15 LYS A HZ1  1 
ATOM   251 H HZ2  . LYS A 1 16 ? 2.439   8.849   0.287   0.00 11.20 ? 15 LYS A HZ2  1 
ATOM   252 H HZ3  . LYS A 1 16 ? 2.229   7.504   -0.482  0.00 11.20 ? 15 LYS A HZ3  1 
HETATM 253 O O    . B3L A 1 17 ? -0.610  -1.812  -0.343  1.00 10.22 ? 16 B3L A O    1 
HETATM 254 C C    . B3L A 1 17 ? -1.324  -0.875  -0.024  1.00 9.55  ? 16 B3L A C    1 
HETATM 255 C CB   . B3L A 1 17 ? -1.620  -0.723  1.435   1.00 8.98  ? 16 B3L A CB   1 
HETATM 256 C CA   . B3L A 1 17 ? -0.380  -0.281  2.164   1.00 7.90  ? 16 B3L A CA   1 
HETATM 257 N N    . B3L A 1 17 ? -0.293  1.144   1.975   1.00 7.72  ? 16 B3L A N    1 
HETATM 258 C CG   . B3L A 1 17 ? -0.564  -0.661  3.615   1.00 8.35  ? 16 B3L A CG   1 
HETATM 259 C CD   . B3L A 1 17 ? 0.514   -0.059  4.516   1.00 6.81  ? 16 B3L A CD   1 
HETATM 260 C CE2  . B3L A 1 17 ? 1.863   -0.712  4.265   1.00 8.00  ? 16 B3L A CE2  1 
HETATM 261 C CE1  . B3L A 1 17 ? 0.085   -0.171  5.963   1.00 5.78  ? 16 B3L A CE1  1 
HETATM 262 H HB1  . B3L A 1 17 ? -1.958  -1.682  1.830   1.00 9.10  ? 16 B3L A HB1  1 
HETATM 263 H HB2  . B3L A 1 17 ? -2.423  -0.001  1.584   1.00 9.10  ? 16 B3L A HB2  1 
HETATM 264 H HA   . B3L A 1 17 ? 0.498   -0.806  1.763   1.00 8.27  ? 16 B3L A HA   1 
HETATM 265 H H    . B3L A 1 17 ? -1.046  1.685   2.356   1.00 7.73  ? 16 B3L A H    1 
HETATM 266 H HG   . B3L A 1 17 ? -0.530  -1.747  3.700   1.00 7.88  ? 16 B3L A HG   1 
HETATM 267 H HGA  . B3L A 1 17 ? -1.547  -0.330  3.958   1.00 7.88  ? 16 B3L A HGA  1 
HETATM 268 H HD   . B3L A 1 17 ? 0.609   1.011   4.284   1.00 7.13  ? 16 B3L A HD   1 
HETATM 269 H H3E2 . B3L A 1 17 ? 2.238   -1.098  5.151   0.00 8.46  ? 16 B3L A H3E2 1 
HETATM 270 H H2E2 . B3L A 1 17 ? 2.547   0.114   3.954   0.00 8.46  ? 16 B3L A H2E2 1 
HETATM 271 H H1E2 . B3L A 1 17 ? 1.808   -1.383  3.499   0.00 8.46  ? 16 B3L A H1E2 1 
HETATM 272 H H3E1 . B3L A 1 17 ? 0.901   -0.795  6.456   0.00 6.21  ? 16 B3L A H3E1 1 
HETATM 273 H H2E1 . B3L A 1 17 ? 0.075   0.727   6.433   0.00 6.21  ? 16 B3L A H2E1 1 
HETATM 274 H H1E1 . B3L A 1 17 ? -0.780  -0.728  6.049   0.00 6.21  ? 16 B3L A H1E1 1 
ATOM   275 N N    . TYR A 1 18 ? -1.846  0.007   -0.891  1.00 9.98  ? 17 TYR A N    1 
ATOM   276 C CA   . TYR A 1 18 ? -1.576  -0.112  -2.344  1.00 11.06 ? 17 TYR A CA   1 
ATOM   277 C C    . TYR A 1 18 ? -0.086  -0.065  -2.724  1.00 11.15 ? 17 TYR A C    1 
ATOM   278 O O    . TYR A 1 18 ? 0.442   -1.007  -3.319  1.00 11.41 ? 17 TYR A O    1 
ATOM   279 C CB   . TYR A 1 18 ? -2.373  0.893   -3.254  1.00 11.02 ? 17 TYR A CB   1 
ATOM   280 C CG   . TYR A 1 18 ? -1.992  0.625   -4.709  1.00 11.55 ? 17 TYR A CG   1 
ATOM   281 C CD1  . TYR A 1 18 ? -2.232  -0.652  -5.261  1.00 15.23 ? 17 TYR A CD1  1 
ATOM   282 C CD2  . TYR A 1 18 ? -1.319  1.572   -5.502  1.00 12.46 ? 17 TYR A CD2  1 
ATOM   283 C CE1  . TYR A 1 18 ? -1.836  -0.987  -6.559  1.00 15.07 ? 17 TYR A CE1  1 
ATOM   284 C CE2  . TYR A 1 18 ? -0.908  1.244   -6.838  1.00 13.41 ? 17 TYR A CE2  1 
ATOM   285 C CZ   . TYR A 1 18 ? -1.179  -0.049  -7.343  1.00 15.86 ? 17 TYR A CZ   1 
ATOM   286 O OH   . TYR A 1 18 ? -0.812  -0.479  -8.616  1.00 19.37 ? 17 TYR A OH   1 
ATOM   287 H H    . TYR A 1 18 ? -2.350  0.670   -0.674  1.00 10.15 ? 17 TYR A H    1 
ATOM   288 H HA   . TYR A 1 18 ? -1.884  -1.007  -2.597  1.00 10.84 ? 17 TYR A HA   1 
ATOM   289 H HB2  . TYR A 1 18 ? -3.321  0.750   -3.130  1.00 11.11 ? 17 TYR A HB2  1 
ATOM   290 H HB3  . TYR A 1 18 ? -2.128  1.804   -3.029  1.00 11.11 ? 17 TYR A HB3  1 
ATOM   291 H HD1  . TYR A 1 18 ? -2.651  -1.298  -4.740  1.00 14.33 ? 17 TYR A HD1  1 
ATOM   292 H HD2  . TYR A 1 18 ? -1.129  2.413   -5.155  1.00 12.47 ? 17 TYR A HD2  1 
ATOM   293 H HE1  . TYR A 1 18 ? -2.009  -1.836  -6.895  1.00 15.29 ? 17 TYR A HE1  1 
ATOM   294 H HE2  . TYR A 1 18 ? -0.467  1.873   -7.364  1.00 13.76 ? 17 TYR A HE2  1 
ATOM   295 H HH   . TYR A 1 18 ? -1.490  -0.692  -9.053  0.00 19.84 ? 17 TYR A HH   1 
ATOM   296 N N    . HIS A 1 19 ? 0.592   1.027   -2.409  1.00 11.43 ? 18 HIS A N    1 
ATOM   297 C CA   . HIS A 1 19 ? 1.977   1.176   -2.838  1.00 11.85 ? 18 HIS A CA   1 
ATOM   298 C C    . HIS A 1 19 ? 2.842   -0.042  -2.422  1.00 11.96 ? 18 HIS A C    1 
ATOM   299 O O    . HIS A 1 19 ? 3.686   -0.481  -3.177  1.00 12.73 ? 18 HIS A O    1 
ATOM   300 C CB   . HIS A 1 19 ? 2.543   2.495   -2.275  1.00 11.75 ? 18 HIS A CB   1 
ATOM   301 C CG   . HIS A 1 19 ? 4.003   2.723   -2.539  1.00 11.88 ? 18 HIS A CG   1 
ATOM   302 N ND1  . HIS A 1 19 ? 4.999   2.044   -1.867  1.00 11.94 ? 18 HIS A ND1  1 
ATOM   303 C CD2  . HIS A 1 19 ? 4.636   3.577   -3.379  1.00 12.27 ? 18 HIS A CD2  1 
ATOM   304 C CE1  . HIS A 1 19 ? 6.178   2.445   -2.304  1.00 9.53  ? 18 HIS A CE1  1 
ATOM   305 N NE2  . HIS A 1 19 ? 5.987   3.379   -3.215  1.00 12.23 ? 18 HIS A NE2  1 
ATOM   306 H H    . HIS A 1 19 ? 0.277   1.687   -1.955  1.00 11.47 ? 18 HIS A H    1 
ATOM   307 H HA   . HIS A 1 19 ? 1.999   1.235   -3.816  1.00 11.76 ? 18 HIS A HA   1 
ATOM   308 H HB2  . HIS A 1 19 ? 2.055   3.235   -2.669  1.00 11.82 ? 18 HIS A HB2  1 
ATOM   309 H HB3  . HIS A 1 19 ? 2.419   2.497   -1.314  1.00 11.82 ? 18 HIS A HB3  1 
ATOM   310 H HD1  . HIS A 1 19 ? 4.877   1.427   -1.243  0.00 14.40 ? 18 HIS A HD1  1 
ATOM   311 H HD2  . HIS A 1 19 ? 4.232   4.174   -3.966  1.00 12.17 ? 18 HIS A HD2  1 
ATOM   312 H HE1  . HIS A 1 19 ? 7.000   2.135   -2.011  1.00 10.73 ? 18 HIS A HE1  1 
ATOM   313 H HE2  . HIS A 1 19 ? 6.643   3.731   -3.647  0.00 14.61 ? 18 HIS A HE2  1 
HETATM 314 N N    . XCP A 1 20 ? 2.642   -0.582  -1.247  1.00 11.94 ? 19 XCP A N    1 
HETATM 315 C CB   . XCP A 1 20 ? 3.446   -1.733  -0.833  1.00 12.48 ? 19 XCP A CB   1 
HETATM 316 C CG   . XCP A 1 20 ? 4.422   -1.414  0.308   1.00 12.24 ? 19 XCP A CG   1 
HETATM 317 C CD   . XCP A 1 20 ? 4.822   -2.830  0.751   1.00 12.45 ? 19 XCP A CD   1 
HETATM 318 C CE   . XCP A 1 20 ? 3.536   -3.671  0.734   1.00 12.07 ? 19 XCP A CE   1 
HETATM 319 C CA   . XCP A 1 20 ? 2.635   -2.949  -0.305  1.00 12.65 ? 19 XCP A CA   1 
HETATM 320 C C    . XCP A 1 20 ? 2.299   -3.819  -1.487  1.00 13.17 ? 19 XCP A C    1 
HETATM 321 O O    . XCP A 1 20 ? 3.108   -4.663  -1.855  1.00 13.19 ? 19 XCP A O    1 
HETATM 322 H H2   . XCP A 1 20 ? 2.055   -0.289  -0.700  1.00 12.09 ? 19 XCP A H2   1 
HETATM 323 H HB   . XCP A 1 20 ? 3.984   -2.043  -1.591  1.00 12.32 ? 19 XCP A HB   1 
HETATM 324 H HG   . XCP A 1 20 ? 3.971   -0.933  1.034   1.00 12.35 ? 19 XCP A HG   1 
HETATM 325 H HGA  . XCP A 1 20 ? 5.198   -0.916  -0.021  1.00 12.35 ? 19 XCP A HGA  1 
HETATM 326 H HD   . XCP A 1 20 ? 5.197   -2.805  1.657   1.00 12.31 ? 19 XCP A HD   1 
HETATM 327 H HDA  . XCP A 1 20 ? 5.478   -3.204  0.126   1.00 12.31 ? 19 XCP A HDA  1 
HETATM 328 H HE   . XCP A 1 20 ? 3.730   -4.595  0.470   1.00 12.47 ? 19 XCP A HE   1 
HETATM 329 H HEA  . XCP A 1 20 ? 3.115   -3.651  1.617   1.00 12.47 ? 19 XCP A HEA  1 
HETATM 330 H HA   . XCP A 1 20 ? 1.815   -2.639  0.130   1.00 12.60 ? 19 XCP A HA   1 
ATOM   331 N N    . GLU A 1 21 ? 1.107   -3.610  -2.073  1.00 14.17 ? 20 GLU A N    1 
ATOM   332 C CA   . GLU A 1 21 ? 0.656   -4.394  -3.238  1.00 14.36 ? 20 GLU A CA   1 
ATOM   333 C C    . GLU A 1 21 ? 1.554   -4.270  -4.436  1.00 13.46 ? 20 GLU A C    1 
ATOM   334 O O    . GLU A 1 21 ? 1.911   -5.265  -5.043  1.00 13.95 ? 20 GLU A O    1 
ATOM   335 C CB   . GLU A 1 21 ? -0.754  -3.991  -3.667  1.00 14.90 ? 20 GLU A CB   1 
ATOM   336 C CG   . GLU A 1 21 ? -1.855  -4.319  -2.693  1.00 18.59 ? 20 GLU A CG   1 
ATOM   337 C CD   . GLU A 1 21 ? -2.482  -5.690  -2.933  1.00 25.07 ? 20 GLU A CD   1 
ATOM   338 O OE1  . GLU A 1 21 ? -1.760  -6.646  -3.387  1.00 28.01 ? 20 GLU A OE1  1 
ATOM   339 O OE2  . GLU A 1 21 ? -3.701  -5.804  -2.637  1.00 27.76 ? 20 GLU A OE2  1 
ATOM   340 H H    . GLU A 1 21 ? 0.542   -3.016  -1.812  1.00 13.96 ? 20 GLU A H    1 
ATOM   341 H HA   . GLU A 1 21 ? 0.629   -5.339  -2.983  1.00 14.25 ? 20 GLU A HA   1 
ATOM   342 H HB2  . GLU A 1 21 ? -0.773  -3.034  -3.806  1.00 15.01 ? 20 GLU A HB2  1 
ATOM   343 H HB3  . GLU A 1 21 ? -0.960  -4.435  -4.505  1.00 15.01 ? 20 GLU A HB3  1 
ATOM   344 H HG2  . GLU A 1 21 ? -1.494  -4.311  -1.792  1.00 19.24 ? 20 GLU A HG2  1 
ATOM   345 H HG3  . GLU A 1 21 ? -2.554  -3.652  -2.774  1.00 19.24 ? 20 GLU A HG3  1 
ATOM   346 N N    . ASN A 1 22 ? 1.865   -3.040  -4.813  1.00 13.53 ? 21 ASN A N    1 
ATOM   347 C CA   . ASN A 1 22 ? 2.696   -2.765  -5.972  1.00 12.69 ? 21 ASN A CA   1 
ATOM   348 C C    . ASN A 1 22 ? 4.195   -3.039  -5.709  1.00 11.92 ? 21 ASN A C    1 
ATOM   349 O O    . ASN A 1 22 ? 4.871   -3.597  -6.542  1.00 10.83 ? 21 ASN A O    1 
ATOM   350 C CB   . ASN A 1 22 ? 2.404   -1.363  -6.468  1.00 13.41 ? 21 ASN A CB   1 
ATOM   351 C CG   . ASN A 1 22 ? 3.087   -1.060  -7.771  1.00 14.38 ? 21 ASN A CG   1 
ATOM   352 O OD1  . ASN A 1 22 ? 2.670   -1.527  -8.836  1.00 16.74 ? 21 ASN A OD1  1 
ATOM   353 N ND2  . ASN A 1 22 ? 4.151   -0.274  -7.696  1.00 14.91 ? 21 ASN A ND2  1 
ATOM   354 H H    . ASN A 1 22 ? 1.599   -2.332  -4.401  1.00 13.29 ? 21 ASN A H    1 
ATOM   355 H HA   . ASN A 1 22 ? 2.424   -3.371  -6.692  1.00 12.86 ? 21 ASN A HA   1 
ATOM   356 H HB2  . ASN A 1 22 ? 1.449   -1.269  -6.603  1.00 13.09 ? 21 ASN A HB2  1 
ATOM   357 H HB3  . ASN A 1 22 ? 2.709   -0.723  -5.807  1.00 13.09 ? 21 ASN A HB3  1 
ATOM   358 H HD21 . ASN A 1 22 ? 4.404   0.051   -6.807  0.00 15.61 ? 21 ASN A HD21 1 
ATOM   359 H HD22 . ASN A 1 22 ? 4.609   -0.058  -8.489  0.00 15.61 ? 21 ASN A HD22 1 
HETATM 360 N N    . XCP A 1 23 ? 4.718   -2.648  -4.549  1.00 11.91 ? 22 XCP A N    1 
HETATM 361 C CB   . XCP A 1 23 ? 6.141   -2.888  -4.251  1.00 11.57 ? 22 XCP A CB   1 
HETATM 362 C CG   . XCP A 1 23 ? 6.836   -1.756  -3.488  1.00 11.48 ? 22 XCP A CG   1 
HETATM 363 C CD   . XCP A 1 23 ? 8.047   -2.407  -2.815  1.00 11.61 ? 22 XCP A CD   1 
HETATM 364 C CE   . XCP A 1 23 ? 7.719   -3.924  -2.683  1.00 11.90 ? 22 XCP A CE   1 
HETATM 365 C CA   . XCP A 1 23 ? 6.320   -4.128  -3.306  1.00 11.45 ? 22 XCP A CA   1 
HETATM 366 C C    . XCP A 1 23 ? 6.200   -5.492  -3.993  1.00 11.39 ? 22 XCP A C    1 
HETATM 367 O O    . XCP A 1 23 ? 7.025   -5.874  -4.769  1.00 10.05 ? 22 XCP A O    1 
HETATM 368 H H2   . XCP A 1 23 ? 4.251   -2.254  -3.953  1.00 11.83 ? 22 XCP A H2   1 
HETATM 369 H HB   . XCP A 1 23 ? 6.638   -3.048  -5.080  1.00 11.65 ? 22 XCP A HB   1 
HETATM 370 H HG   . XCP A 1 23 ? 6.233   -1.381  -2.813  1.00 11.53 ? 22 XCP A HG   1 
HETATM 371 H HGA  . XCP A 1 23 ? 7.126   -1.059  -4.112  1.00 11.53 ? 22 XCP A HGA  1 
HETATM 372 H HD   . XCP A 1 23 ? 8.190   -2.017  -1.928  1.00 11.65 ? 22 XCP A HD   1 
HETATM 373 H HDA  . XCP A 1 23 ? 8.846   -2.284  -3.368  1.00 11.65 ? 22 XCP A HDA  1 
HETATM 374 H HE   . XCP A 1 23 ? 7.703   -4.181  -1.737  1.00 11.59 ? 22 XCP A HE   1 
HETATM 375 H HEA  . XCP A 1 23 ? 8.392   -4.451  -3.162  1.00 11.59 ? 22 XCP A HEA  1 
HETATM 376 H HA   . XCP A 1 23 ? 5.653   -4.068  -2.590  1.00 11.56 ? 22 XCP A HA   1 
ATOM   377 N N    . LEU A 1 24 ? 5.137   -6.199  -3.669  1.00 12.36 ? 23 LEU A N    1 
ATOM   378 C CA   . LEU A 1 24 ? 4.817   -7.527  -4.198  1.00 13.13 ? 23 LEU A CA   1 
ATOM   379 C C    . LEU A 1 24 ? 4.702   -7.762  -5.706  1.00 13.73 ? 23 LEU A C    1 
ATOM   380 O O    . LEU A 1 24 ? 5.252   -8.747  -6.211  1.00 14.00 ? 23 LEU A O    1 
ATOM   381 C CB   . LEU A 1 24 ? 3.535   -8.029  -3.513  1.00 13.49 ? 23 LEU A CB   1 
ATOM   382 C CG   . LEU A 1 24 ? 3.159   -9.494  -3.733  1.00 12.98 ? 23 LEU A CG   1 
ATOM   383 C CD1  . LEU A 1 24 ? 4.241   -10.436 -3.273  1.00 10.89 ? 23 LEU A CD1  1 
ATOM   384 C CD2  . LEU A 1 24 ? 1.840   -9.741  -3.014  1.00 11.01 ? 23 LEU A CD2  1 
ATOM   385 H H    . LEU A 1 24 ? 4.548   -5.916  -3.110  1.00 12.31 ? 23 LEU A H    1 
ATOM   386 H HA   . LEU A 1 24 ? 5.538   -8.117  -3.895  1.00 13.17 ? 23 LEU A HA   1 
ATOM   387 H HB2  . LEU A 1 24 ? 3.631   -7.904  -2.556  1.00 13.21 ? 23 LEU A HB2  1 
ATOM   388 H HB3  . LEU A 1 24 ? 2.793   -7.493  -3.833  1.00 13.21 ? 23 LEU A HB3  1 
ATOM   389 H HG   . LEU A 1 24 ? 3.009   -9.650  -4.679  1.00 12.30 ? 23 LEU A HG   1 
ATOM   390 H HD11 . LEU A 1 24 ? 3.924   -11.334 -3.511  0.00 12.63 ? 23 LEU A HD11 1 
ATOM   391 H HD12 . LEU A 1 24 ? 4.364   -10.353 -2.363  0.00 12.63 ? 23 LEU A HD12 1 
ATOM   392 H HD13 . LEU A 1 24 ? 5.032   -10.256 -3.784  0.00 12.63 ? 23 LEU A HD13 1 
ATOM   393 H HD21 . LEU A 1 24 ? 1.905   -9.580  -2.119  0.00 13.76 ? 23 LEU A HD21 1 
ATOM   394 H HD22 . LEU A 1 24 ? 1.547   -10.628 -3.233  0.00 13.76 ? 23 LEU A HD22 1 
ATOM   395 H HD23 . LEU A 1 24 ? 1.153   -9.116  -3.419  0.00 13.76 ? 23 LEU A HD23 1 
ATOM   396 N N    . ALA A 1 25 ? 3.989   -6.895  -6.416  1.00 13.84 ? 24 ALA A N    1 
ATOM   397 C CA   . ALA A 1 25 ? 3.785   -7.044  -7.841  1.00 13.80 ? 24 ALA A CA   1 
ATOM   398 C C    . ALA A 1 25 ? 5.055   -6.829  -8.613  1.00 14.17 ? 24 ALA A C    1 
ATOM   399 O O    . ALA A 1 25 ? 5.355   -7.596  -9.484  1.00 14.99 ? 24 ALA A O    1 
ATOM   400 C CB   . ALA A 1 25 ? 2.687   -6.040  -8.352  1.00 13.69 ? 24 ALA A CB   1 
ATOM   401 H H    . ALA A 1 25 ? 3.609   -6.200  -6.080  1.00 13.80 ? 24 ALA A H    1 
ATOM   402 H HA   . ALA A 1 25 ? 3.468   -7.953  -8.023  1.00 13.86 ? 24 ALA A HA   1 
ATOM   403 H HB1  . ALA A 1 25 ? 1.832   -6.228  -7.900  0.00 14.71 ? 24 ALA A HB1  1 
ATOM   404 H HB2  . ALA A 1 25 ? 2.558   -6.150  -9.291  0.00 14.71 ? 24 ALA A HB2  1 
ATOM   405 H HB3  . ALA A 1 25 ? 2.934   -5.135  -8.151  0.00 14.71 ? 24 ALA A HB3  1 
HETATM 406 N N    . HMR A 1 26 ? 5.793   -5.780  -8.283  1.00 15.14 ? 25 HMR A N    1 
HETATM 407 C CB   . HMR A 1 26 ? 7.051   -5.443  -8.945  1.00 15.66 ? 25 HMR A CB   1 
HETATM 408 C CC   . HMR A 1 26 ? 7.071   -3.948  -9.386  1.00 16.44 ? 25 HMR A CC   1 
HETATM 409 C CG   . HMR A 1 26 ? 6.115   -3.526  -10.519 1.00 19.35 ? 25 HMR A CG   1 
HETATM 410 C C    . HMR A 1 26 ? 8.753   -6.966  -7.715  1.00 15.24 ? 25 HMR A C    1 
HETATM 411 O O    . HMR A 1 26 ? 9.471   -7.461  -8.547  1.00 15.39 ? 25 HMR A O    1 
HETATM 412 C CA   . HMR A 1 26 ? 8.179   -5.592  -7.926  1.00 15.62 ? 25 HMR A CA   1 
HETATM 413 H H    . HMR A 1 26 ? 5.505   -5.163  -7.547  1.00 15.02 ? 25 HMR A H    1 
HETATM 414 H HB   . HMR A 1 26 ? 7.249   -6.085  -9.814  1.00 15.51 ? 25 HMR A HB   1 
HETATM 415 H HB2  . HMR A 1 26 ? 6.852   -3.333  -8.510  1.00 16.94 ? 25 HMR A HB2  1 
HETATM 416 H HB3  . HMR A 1 26 ? 8.085   -3.694  -9.702  1.00 16.94 ? 25 HMR A HB3  1 
HETATM 417 H HG2  . HMR A 1 26 ? 6.675   -3.187  -11.382 0.00 21.00 ? 25 HMR A HG2  1 
HETATM 418 H HG3  . HMR A 1 26 ? 5.492   -4.369  -10.768 0.00 21.00 ? 25 HMR A HG3  1 
HETATM 419 H HC1  . HMR A 1 26 ? 7.828   -5.202  -6.972  1.00 15.49 ? 25 HMR A HC1  1 
HETATM 420 H HC2  . HMR A 1 26 ? 9.007   -4.948  -8.230  1.00 15.49 ? 25 HMR A HC2  1 
ATOM   421 N N    . ILE A 1 27 ? 8.427   -7.583  -6.580  1.00 15.03 ? 26 ILE A N    1 
ATOM   422 C CA   . ILE A 1 27 ? 8.917   -8.927  -6.245  1.00 14.72 ? 26 ILE A CA   1 
ATOM   423 C C    . ILE A 1 27 ? 8.432   -10.007 -7.178  1.00 13.96 ? 26 ILE A C    1 
ATOM   424 O O    . ILE A 1 27 ? 9.247   -10.816 -7.631  1.00 14.23 ? 26 ILE A O    1 
ATOM   425 C CB   . ILE A 1 27 ? 8.539   -9.315  -4.790  1.00 15.21 ? 26 ILE A CB   1 
ATOM   426 C CG1  . ILE A 1 27 ? 9.235   -8.371  -3.797  1.00 15.54 ? 26 ILE A CG1  1 
ATOM   427 C CG2  . ILE A 1 27 ? 8.823   -10.800 -4.478  1.00 15.34 ? 26 ILE A CG2  1 
ATOM   428 C CD1  . ILE A 1 27 ? 10.538  -7.911  -4.271  1.00 16.98 ? 26 ILE A CD1  1 
ATOM   429 H H    . ILE A 1 27 ? 7.917   -7.240  -5.980  1.00 15.00 ? 26 ILE A H    1 
ATOM   430 H HA   . ILE A 1 27 ? 9.893   -8.926  -6.315  1.00 14.73 ? 26 ILE A HA   1 
ATOM   431 H HB   . ILE A 1 27 ? 7.583   -9.181  -4.692  1.00 14.99 ? 26 ILE A HB   1 
ATOM   432 H HG12 . ILE A 1 27 ? 8.676   -7.591  -3.655  1.00 15.80 ? 26 ILE A HG12 1 
ATOM   433 H HG13 . ILE A 1 27 ? 9.370   -8.837  -2.957  1.00 15.80 ? 26 ILE A HG13 1 
ATOM   434 H HG21 . ILE A 1 27 ? 8.271   -11.343 -5.049  0.00 15.63 ? 26 ILE A HG21 1 
ATOM   435 H HG22 . ILE A 1 27 ? 8.535   -10.976 -3.545  0.00 15.63 ? 26 ILE A HG22 1 
ATOM   436 H HG23 . ILE A 1 27 ? 9.726   -10.982 -4.573  0.00 15.63 ? 26 ILE A HG23 1 
ATOM   437 H HD11 . ILE A 1 27 ? 10.893  -7.292  -3.563  0.00 18.24 ? 26 ILE A HD11 1 
ATOM   438 H HD12 . ILE A 1 27 ? 10.416  -7.410  -5.057  0.00 18.24 ? 26 ILE A HD12 1 
ATOM   439 H HD13 . ILE A 1 27 ? 11.103  -8.635  -4.351  0.00 18.24 ? 26 ILE A HD13 1 
ATOM   440 N N    . LYS A 1 28 ? 7.132   -10.067 -7.456  1.00 13.44 ? 27 LYS A N    1 
ATOM   441 C CA   . LYS A 1 28 ? 6.589   -11.128 -8.372  1.00 13.31 ? 27 LYS A CA   1 
ATOM   442 C C    . LYS A 1 28 ? 7.030   -11.042 -9.835  1.00 12.83 ? 27 LYS A C    1 
ATOM   443 O O    . LYS A 1 28 ? 7.230   -12.061 -10.483 1.00 13.49 ? 27 LYS A O    1 
ATOM   444 C CB   . LYS A 1 28 ? 5.060   -11.187 -8.338  1.00 13.49 ? 27 LYS A CB   1 
ATOM   445 C CG   . LYS A 1 28 ? 4.485   -11.816 -7.085  1.00 13.64 ? 27 LYS A CG   1 
ATOM   446 C CD   . LYS A 1 28 ? 2.984   -11.591 -7.044  1.00 15.14 ? 27 LYS A CD   1 
ATOM   447 C CE   . LYS A 1 28 ? 2.356   -12.448 -5.933  1.00 17.39 ? 27 LYS A CE   1 
ATOM   448 N NZ   . LYS A 1 28 ? 0.884   -12.313 -5.865  1.00 18.90 ? 27 LYS A NZ   1 
ATOM   449 H H    . LYS A 1 28 ? 6.541   -9.525  -7.143  1.00 13.54 ? 27 LYS A H    1 
ATOM   450 H HA   . LYS A 1 28 ? 6.904   -11.993 -8.038  1.00 13.28 ? 27 LYS A HA   1 
ATOM   451 H HB2  . LYS A 1 28 ? 4.712   -10.284 -8.402  1.00 13.40 ? 27 LYS A HB2  1 
ATOM   452 H HB3  . LYS A 1 28 ? 4.747   -11.709 -9.093  1.00 13.40 ? 27 LYS A HB3  1 
ATOM   453 H HG2  . LYS A 1 28 ? 4.655   -12.772 -7.093  1.00 13.96 ? 27 LYS A HG2  1 
ATOM   454 H HG3  . LYS A 1 28 ? 4.882   -11.407 -6.300  1.00 13.96 ? 27 LYS A HG3  1 
ATOM   455 H HD2  . LYS A 1 28 ? 2.800   -10.658 -6.855  1.00 15.32 ? 27 LYS A HD2  1 
ATOM   456 H HD3  . LYS A 1 28 ? 2.593   -11.851 -7.893  1.00 15.32 ? 27 LYS A HD3  1 
ATOM   457 H HE2  . LYS A 1 28 ? 2.568   -13.381 -6.092  1.00 17.21 ? 27 LYS A HE2  1 
ATOM   458 H HE3  . LYS A 1 28 ? 2.720   -12.168 -5.078  1.00 17.21 ? 27 LYS A HE3  1 
ATOM   459 H HZ1  . LYS A 1 28 ? 0.716   -11.387 -5.590  0.00 21.22 ? 27 LYS A HZ1  1 
ATOM   460 H HZ2  . LYS A 1 28 ? 0.567   -12.869 -5.121  0.00 21.22 ? 27 LYS A HZ2  1 
ATOM   461 H HZ3  . LYS A 1 28 ? 0.474   -12.519 -6.641  0.00 21.22 ? 27 LYS A HZ3  1 
HETATM 462 N N    . XPC A 1 29 ? 7.182   -9.847  -10.346 1.00 13.04 ? 28 XPC A N    1 
HETATM 463 C CB   . XPC A 1 29 ? 7.599   -9.644  -11.722 1.00 12.94 ? 28 XPC A CB   1 
HETATM 464 C CG   . XPC A 1 29 ? 6.696   -8.639  -12.425 1.00 12.78 ? 28 XPC A CG   1 
HETATM 465 N ND   . XPC A 1 29 ? 7.597   -7.830  -13.397 1.00 13.76 ? 28 XPC A ND   1 
HETATM 466 C CE   . XPC A 1 29 ? 9.052   -8.068  -13.003 1.00 13.76 ? 28 XPC A CE   1 
HETATM 467 C CA   . XPC A 1 29 ? 8.945   -8.895  -11.705 1.00 13.75 ? 28 XPC A CA   1 
HETATM 468 C C    . XPC A 1 29 ? 10.175  -9.762  -11.519 1.00 13.22 ? 28 XPC A C    1 
HETATM 469 O O    . XPC A 1 29 ? 10.617  -10.416 -12.420 1.00 13.28 ? 28 XPC A O    1 
HETATM 470 H H2   . XPC A 1 29 ? 7.038   -9.142  -9.879  1.00 12.96 ? 28 XPC A H2   1 
HETATM 471 H HB   . XPC A 1 29 ? 7.663   -10.479 -12.231 1.00 13.28 ? 28 XPC A HB   1 
HETATM 472 H HG   . XPC A 1 29 ? 6.287   -8.033  -11.775 1.00 13.05 ? 28 XPC A HG   1 
HETATM 473 H HGA  . XPC A 1 29 ? 5.999   -9.110  -12.929 1.00 13.05 ? 28 XPC A HGA  1 
HETATM 474 H HND  . XPC A 1 29 ? 7.448   -8.135  -14.317 1.00 13.53 ? 28 XPC A HND  1 
HETATM 475 H HE   . XPC A 1 29 ? 9.504   -7.216  -12.829 1.00 13.76 ? 28 XPC A HE   1 
HETATM 476 H HEA  . XPC A 1 29 ? 9.515   -8.568  -13.707 1.00 13.76 ? 28 XPC A HEA  1 
HETATM 477 H HA   . XPC A 1 29 ? 8.914   -8.255  -10.966 1.00 13.47 ? 28 XPC A HA   1 
HETATM 478 H HD1  . XPC A 1 29 ? 7.387   -6.875  -13.326 1.00 13.53 ? 28 XPC A HD1  1 
ATOM   479 N N    . LEU A 1 30 ? 10.710  -9.740  -10.310 1.00 13.32 ? 29 LEU A N    1 
ATOM   480 C CA   . LEU A 1 30 ? 11.897  -10.525 -9.989  1.00 12.71 ? 29 LEU A CA   1 
ATOM   481 C C    . LEU A 1 30 ? 11.671  -11.998 -9.946  1.00 12.72 ? 29 LEU A C    1 
ATOM   482 O O    . LEU A 1 30 ? 12.519  -12.720 -10.417 1.00 13.60 ? 29 LEU A O    1 
ATOM   483 C CB   . LEU A 1 30 ? 12.537  -10.054 -8.684  1.00 12.21 ? 29 LEU A CB   1 
ATOM   484 C CG   . LEU A 1 30 ? 12.987  -8.595  -8.722  1.00 12.06 ? 29 LEU A CG   1 
ATOM   485 C CD1  . LEU A 1 30 ? 13.154  -8.077  -7.287  1.00 12.17 ? 29 LEU A CD1  1 
ATOM   486 C CD2  . LEU A 1 30 ? 14.246  -8.376  -9.576  1.00 13.56 ? 29 LEU A CD2  1 
ATOM   487 H H    . LEU A 1 30 ? 10.406  -9.276  -9.653  1.00 13.13 ? 29 LEU A H    1 
ATOM   488 H HA   . LEU A 1 30 ? 12.559  -10.364 -10.692 1.00 12.73 ? 29 LEU A HA   1 
ATOM   489 H HB2  . LEU A 1 30 ? 11.892  -10.152 -7.967  1.00 12.49 ? 29 LEU A HB2  1 
ATOM   490 H HB3  . LEU A 1 30 ? 13.319  -10.600 -8.501  1.00 12.49 ? 29 LEU A HB3  1 
ATOM   491 H HG   . LEU A 1 30 ? 12.283  -8.066  -9.125  1.00 12.40 ? 29 LEU A HG   1 
ATOM   492 H HD11 . LEU A 1 30 ? 13.434  -7.127  -7.371  0.00 13.33 ? 29 LEU A HD11 1 
ATOM   493 H HD12 . LEU A 1 30 ? 13.806  -8.565  -6.856  0.00 13.33 ? 29 LEU A HD12 1 
ATOM   494 H HD13 . LEU A 1 30 ? 12.305  -8.096  -6.869  0.00 13.33 ? 29 LEU A HD13 1 
ATOM   495 H HD21 . LEU A 1 30 ? 14.984  -8.872  -9.203  0.00 14.43 ? 29 LEU A HD21 1 
ATOM   496 H HD22 . LEU A 1 30 ? 14.481  -7.433  -9.582  0.00 14.43 ? 29 LEU A HD22 1 
ATOM   497 H HD23 . LEU A 1 30 ? 14.095  -8.664  -10.483 0.00 14.43 ? 29 LEU A HD23 1 
ATOM   498 N N    . LEU A 1 31 ? 10.575  -12.471 -9.381  1.00 12.06 ? 30 LEU A N    1 
ATOM   499 C CA   . LEU A 1 31 ? 10.380  -13.915 -9.352  1.00 12.29 ? 30 LEU A CA   1 
ATOM   500 C C    . LEU A 1 31 ? 10.035  -14.476 -10.724 1.00 13.23 ? 30 LEU A C    1 
ATOM   501 O O    . LEU A 1 31 ? 10.427  -15.578 -11.041 1.00 13.50 ? 30 LEU A O    1 
ATOM   502 C CB   . LEU A 1 31 ? 9.335   -14.314 -8.337  1.00 12.26 ? 30 LEU A CB   1 
ATOM   503 C CG   . LEU A 1 31 ? 9.777   -14.316 -6.889  1.00 11.29 ? 30 LEU A CG   1 
ATOM   504 C CD1  . LEU A 1 31 ? 8.517   -14.263 -6.061  1.00 13.50 ? 30 LEU A CD1  1 
ATOM   505 C CD2  . LEU A 1 31 ? 10.592  -15.546 -6.557  1.00 12.95 ? 30 LEU A CD2  1 
ATOM   506 H H    . LEU A 1 31 ? 9.951   -11.999 -9.022  1.00 12.30 ? 30 LEU A H    1 
ATOM   507 H HA   . LEU A 1 31 ? 11.217  -14.339 -9.069  1.00 12.43 ? 30 LEU A HA   1 
ATOM   508 H HB2  . LEU A 1 31 ? 8.585   -13.702 -8.417  1.00 12.16 ? 30 LEU A HB2  1 
ATOM   509 H HB3  . LEU A 1 31 ? 9.033   -15.212 -8.544  1.00 12.16 ? 30 LEU A HB3  1 
ATOM   510 H HG   . LEU A 1 31 ? 10.309  -13.526 -6.705  1.00 12.21 ? 30 LEU A HG   1 
ATOM   511 H HD11 . LEU A 1 31 ? 8.791   -14.228 -5.140  0.00 15.06 ? 30 LEU A HD11 1 
ATOM   512 H HD12 . LEU A 1 31 ? 8.015   -15.018 -6.256  0.00 15.06 ? 30 LEU A HD12 1 
ATOM   513 H HD13 . LEU A 1 31 ? 8.070   -13.447 -6.297  0.00 15.06 ? 30 LEU A HD13 1 
ATOM   514 H HD21 . LEU A 1 31 ? 10.039  -16.317 -6.695  0.00 14.68 ? 30 LEU A HD21 1 
ATOM   515 H HD22 . LEU A 1 31 ? 10.868  -15.500 -5.638  0.00 14.68 ? 30 LEU A HD22 1 
ATOM   516 H HD23 . LEU A 1 31 ? 11.364  -15.589 -7.128  0.00 14.68 ? 30 LEU A HD23 1 
HETATM 517 N N    . BAL A 1 32 ? 9.304   -13.726 -11.535 1.00 14.55 ? 31 BAL A N    1 
HETATM 518 C CB   . BAL A 1 32 ? 8.921   -14.175 -12.869 1.00 15.29 ? 31 BAL A CB   1 
HETATM 519 C CA   . BAL A 1 32 ? 7.403   -14.007 -13.116 1.00 16.62 ? 31 BAL A CA   1 
HETATM 520 C C    . BAL A 1 32 ? 6.626   -15.104 -12.362 1.00 17.38 ? 31 BAL A C    1 
HETATM 521 O O    . BAL A 1 32 ? 6.733   -16.289 -12.680 1.00 16.37 ? 31 BAL A O    1 
HETATM 522 H H    . BAL A 1 32 ? 9.013   -12.945 -11.340 1.00 14.40 ? 31 BAL A H    1 
HETATM 523 H HB3  . BAL A 1 32 ? 9.146   -15.120 -12.993 1.00 15.53 ? 31 BAL A HB3  1 
HETATM 524 H HB2  . BAL A 1 32 ? 9.399   -13.640 -13.536 1.00 15.53 ? 31 BAL A HB2  1 
HETATM 525 H HA1  . BAL A 1 32 ? 7.228   -14.090 -14.056 1.00 16.79 ? 31 BAL A HA1  1 
HETATM 526 H HA2  . BAL A 1 32 ? 7.123   -13.140 -12.820 1.00 16.79 ? 31 BAL A HA2  1 
ATOM   527 N N    . GLU A 1 33 ? 5.851   -14.648 -11.361 1.00 18.75 ? 32 GLU A N    1 
ATOM   528 C CA   . GLU A 1 33 ? 5.023   -15.481 -10.502 1.00 19.54 ? 32 GLU A CA   1 
ATOM   529 C C    . GLU A 1 33 ? 3.641   -14.860 -10.380 1.00 19.17 ? 32 GLU A C    1 
ATOM   530 O O    . GLU A 1 33 ? 3.503   -13.620 -10.461 1.00 17.91 ? 32 GLU A O    1 
ATOM   531 C CB   . GLU A 1 33 ? 5.693   -15.574 -9.115  1.00 20.40 ? 32 GLU A CB   1 
ATOM   532 C CG   . GLU A 1 33 ? 5.542   -16.955 -8.430  1.00 23.62 ? 32 GLU A CG   1 
ATOM   533 C CD   . GLU A 1 33 ? 6.756   -17.339 -7.552  1.00 28.03 ? 32 GLU A CD   1 
ATOM   534 O OE1  . GLU A 1 33 ? 6.673   -17.193 -6.297  1.00 30.35 ? 32 GLU A OE1  1 
ATOM   535 O OE2  . GLU A 1 33 ? 7.784   -17.803 -8.124  1.00 30.69 ? 32 GLU A OE2  1 
ATOM   536 H H    . GLU A 1 33 ? 5.794   -13.814 -11.158 1.00 18.60 ? 32 GLU A H    1 
ATOM   537 H HA   . GLU A 1 33 ? 4.936   -16.379 -10.882 1.00 19.48 ? 32 GLU A HA   1 
ATOM   538 H HB2  . GLU A 1 33 ? 6.642   -15.398 -9.216  1.00 20.26 ? 32 GLU A HB2  1 
ATOM   539 H HB3  . GLU A 1 33 ? 5.300   -14.910 -8.527  1.00 20.26 ? 32 GLU A HB3  1 
ATOM   540 H HG2  . GLU A 1 33 ? 4.757   -16.938 -7.861  1.00 23.90 ? 32 GLU A HG2  1 
ATOM   541 H HG3  . GLU A 1 33 ? 5.442   -17.640 -9.109  1.00 23.90 ? 32 GLU A HG3  1 
ATOM   542 N N    . ARG A 1 34 ? 2.635   -15.728 -10.213 1.00 19.37 ? 33 ARG A N    1 
ATOM   543 C CA   . ARG A 1 34 ? 1.235   -15.331 -10.053 1.00 19.58 ? 33 ARG A CA   1 
ATOM   544 C C    . ARG A 1 34 ? 1.035   -14.795 -8.631  1.00 20.28 ? 33 ARG A C    1 
ATOM   545 O O    . ARG A 1 34 ? 0.214   -13.895 -8.400  1.00 20.76 ? 33 ARG A O    1 
ATOM   546 C CB   . ARG A 1 34 ? 0.273   -16.500 -10.358 1.00 18.97 ? 33 ARG A CB   1 
ATOM   547 O OXT  . ARG A 1 34 ? 1.701   -15.232 -7.681  1.00 20.06 ? 33 ARG A OXT  1 
ATOM   548 H H    . ARG A 1 34 ? 2.747   -16.581 -10.186 1.00 19.37 ? 33 ARG A H    1 
ATOM   549 H HA   . ARG A 1 34 ? 1.034   -14.605 -10.682 1.00 19.55 ? 33 ARG A HA   1 
ATOM   550 H HB2  . ARG A 1 34 ? -0.610  -16.274 -10.265 0.00 21.22 ? 33 ARG A HB2  1 
ATOM   551 H HB3  . ARG A 1 34 ? 0.430   -16.874 -11.287 0.00 21.22 ? 33 ARG A HB3  1 
HETATM 552 O O    . HOH B 2 .  ? -7.684  20.800  13.741  0.50 14.25 ? 34 HOH A O    1 
HETATM 553 O O    . HOH B 2 .  ? -1.184  -4.207  1.148   1.00 4.66  ? 35 HOH A O    1 
HETATM 554 O O    . HOH B 2 .  ? -5.056  -0.628  0.933   1.00 13.38 ? 36 HOH A O    1 
HETATM 555 O O    . HOH B 2 .  ? 4.787   0.916   -5.586  1.00 12.84 ? 37 HOH A O    1 
HETATM 556 O O    . HOH B 2 .  ? 4.333   1.856   0.801   1.00 12.16 ? 38 HOH A O    1 
HETATM 557 O O    . HOH B 2 .  ? -7.158  -0.623  2.106   1.00 10.99 ? 39 HOH A O    1 
HETATM 558 O O    . HOH B 2 .  ? 0.023   -7.117  -5.413  1.00 11.98 ? 40 HOH A O    1 
HETATM 559 O O    . HOH B 2 .  ? 3.456   -8.765  -11.083 1.00 16.53 ? 41 HOH A O    1 
HETATM 560 O O    . HOH B 2 .  ? 4.983   -18.661 -12.724 1.00 22.93 ? 42 HOH A O    1 
HETATM 561 O O    . HOH B 2 .  ? 6.132   0.834   -9.266  1.00 25.49 ? 43 HOH A O    1 
HETATM 562 O O    . HOH B 2 .  ? 2.581   12.506  5.349   1.00 23.12 ? 44 HOH A O    1 
HETATM 563 O O    . HOH B 2 .  ? 0.608   12.922  6.809   1.00 14.12 ? 45 HOH A O    1 
HETATM 564 O O    . HOH B 2 .  ? 10.767  -17.577 -10.230 1.00 28.65 ? 46 HOH A O    1 
# 
